data_8SVL
#
_entry.id   8SVL
#
_cell.length_a   74.899
_cell.length_b   109.010
_cell.length_c   118.030
_cell.angle_alpha   90.00
_cell.angle_beta   90.00
_cell.angle_gamma   90.00
#
_symmetry.space_group_name_H-M   'P 21 21 21'
#
loop_
_entity.id
_entity.type
_entity.pdbx_description
1 polymer 'M1 family aminopeptidase'
2 non-polymer 'ZINC ION'
3 non-polymer "N-[(1R)-2-(hydroxyamino)-2-oxo-1-(3',4',5'-trifluoro[1,1'-biphenyl]-4-yl)ethyl]-3,3-dimethylbutanamide"
4 non-polymer GLYCEROL
5 non-polymer 'MAGNESIUM ION'
6 water water
#
_entity_poly.entity_id   1
_entity_poly.type   'polypeptide(L)'
_entity_poly.pdbx_seq_one_letter_code
;MKLTKGCAYKYIIFTVLILANILYDNKKRCMIKKNLRISSCGIISRLLKSNSNYNSFNKNYNFTSAISELQFSNFWNLDI
LQKDIFSNIHNNKNKPQSYIIHKRLMSEKGDNNNNNHQNNNGNDNKKRLGSVVNNEENTCSDKRMKPFEEGHGITQVDKM
NNNSDHLQQNGVMNLNSNNVENNNNNNSVVVKKNEPKIHYRKDYKPSGFIINQVTLNINIHDQETIVRSVLDMDISKHNV
GEDLVFDGVGLKINEISINNKKLVEGEEYTYDNEFLTIFSKFVPKSKFAFSSEVIIHPETNYALTGLYKSKNIIVSQCEA
TGFRRITFFIDRPDMMAKYDVTVTADKEKYPVLLSNGDKVNEFEIPGGRHGARFNDPPLKPCYLFAVVAGDLKHLSATYI
TKYTKKKVELYVFSEEKYVSKLQWALECLKKSMAFDEDYFGLEYDLSRLNLVAVSDFNVGAMENKGLNIFNANSLLASKK
NSIDFSYARILTVVGHEYFHQYTGNRVTLRDWFQLTLKEGLTVHRENLFSEEMTKTVTTRLSHVDLLRSVQFLEDSSPLS
HPIRPESYVSMENFYTTTVYDKGSEVMRMYLTILGEEYYKKGFDIYIKKNDGNTATCEDFNYAMEQAYKMKKADNSANLN
QYLLWFSQSGTPHVSFKYNYDAEKKQYSIHVNQYTKPDENQKEKKPLFIPISVGLINPENGKEMISQTTLELTKESDTFV
FNNIAVKPIPSLFRGFSAPVYIEDQLTDEERILLLKYDSDAFVRYNSCTNIYMKQILMNYNEFLKAKNEKLESFQLTPVN
AQFIDAIKYLLEDPHADAGFKSYIVSLPQDRYIINFVSNLDTDVLADTKEYIYKQIGDKLNDVYYKMFKSLEAKADDLTY
FNDESHVDFDQMNMRTLRNTLLSLLSKAQYPNILNEIIEHSKSPYPSNWLTSLSVSAYFDKYFELYDKTYKLSKDDELLL
QEWLKTVSRSDRKDIYEILKKLENEVLKDSKNPNDIRAVYLPFTNNLRRFHDISGKGYKLIAEVITKTDKFNPMVATQLC
EPFKLWNKLDTKRQELMLNEMNTMLQEPQISNNLKEYLLRLTNKLHHHHHH
;
_entity_poly.pdbx_strand_id   A
#
# COMPACT_ATOMS: atom_id res chain seq x y z
N PRO A 196 -21.95 19.07 -1.50
CA PRO A 196 -21.37 17.71 -1.49
C PRO A 196 -21.95 16.87 -0.36
N LYS A 197 -22.43 15.67 -0.67
CA LYS A 197 -23.04 14.83 0.37
C LYS A 197 -22.00 14.22 1.31
N ILE A 198 -22.17 14.44 2.61
CA ILE A 198 -21.27 13.86 3.62
C ILE A 198 -21.96 12.68 4.29
N HIS A 199 -21.29 11.52 4.29
CA HIS A 199 -21.78 10.34 4.99
C HIS A 199 -21.09 10.29 6.34
N TYR A 200 -21.89 10.04 7.38
CA TYR A 200 -21.38 10.00 8.75
C TYR A 200 -21.46 8.60 9.30
N ARG A 201 -20.36 8.15 9.95
CA ARG A 201 -20.37 6.82 10.51
C ARG A 201 -21.52 6.56 11.45
N LYS A 202 -21.85 7.54 12.31
CA LYS A 202 -22.88 7.32 13.30
C LYS A 202 -24.29 7.20 12.71
N ASP A 203 -24.45 7.49 11.43
CA ASP A 203 -25.75 7.49 10.74
C ASP A 203 -26.12 6.15 10.15
N TYR A 204 -25.26 5.13 10.29
CA TYR A 204 -25.60 3.83 9.73
C TYR A 204 -26.96 3.33 10.14
N LYS A 205 -27.71 2.93 9.11
CA LYS A 205 -28.99 2.31 9.33
C LYS A 205 -29.24 1.29 8.24
N PRO A 206 -29.76 0.12 8.58
CA PRO A 206 -30.10 -0.87 7.55
C PRO A 206 -31.12 -0.34 6.54
N SER A 207 -31.08 -0.87 5.32
CA SER A 207 -32.00 -0.47 4.24
C SER A 207 -33.42 -0.89 4.50
N GLY A 208 -34.36 -0.10 3.99
CA GLY A 208 -35.75 -0.53 3.88
C GLY A 208 -36.05 -1.66 2.86
N PHE A 209 -35.02 -2.07 2.12
CA PHE A 209 -35.22 -3.08 1.09
C PHE A 209 -34.22 -4.19 1.23
N ILE A 210 -34.54 -5.28 0.55
CA ILE A 210 -33.67 -6.46 0.43
C ILE A 210 -33.53 -6.82 -1.07
N ILE A 211 -32.33 -7.15 -1.50
CA ILE A 211 -32.17 -7.72 -2.84
C ILE A 211 -31.68 -9.15 -2.62
N ASN A 212 -32.51 -10.11 -3.03
CA ASN A 212 -32.17 -11.52 -2.80
C ASN A 212 -31.39 -12.13 -3.94
N GLN A 213 -31.80 -11.75 -5.16
CA GLN A 213 -31.21 -12.39 -6.35
C GLN A 213 -30.96 -11.36 -7.42
N VAL A 214 -29.80 -11.45 -8.04
CA VAL A 214 -29.45 -10.60 -9.17
C VAL A 214 -29.33 -11.53 -10.39
N THR A 215 -30.03 -11.25 -11.48
CA THR A 215 -29.81 -12.03 -12.71
C THR A 215 -29.42 -11.00 -13.77
N LEU A 216 -28.20 -11.11 -14.24
CA LEU A 216 -27.63 -10.18 -15.23
C LEU A 216 -27.42 -10.82 -16.58
N ASN A 217 -27.65 -10.02 -17.63
CA ASN A 217 -27.19 -10.32 -18.97
C ASN A 217 -26.39 -9.13 -19.47
N ILE A 218 -25.11 -9.36 -19.72
CA ILE A 218 -24.19 -8.30 -20.12
C ILE A 218 -23.77 -8.60 -21.57
N ASN A 219 -24.28 -7.78 -22.50
CA ASN A 219 -24.06 -8.04 -23.92
C ASN A 219 -23.11 -6.99 -24.48
N ILE A 220 -21.87 -7.40 -24.72
CA ILE A 220 -20.83 -6.50 -25.18
C ILE A 220 -20.86 -6.35 -26.69
N HIS A 221 -21.00 -5.10 -27.16
CA HIS A 221 -20.97 -4.84 -28.61
C HIS A 221 -19.87 -3.87 -28.93
N ASP A 222 -19.69 -3.62 -30.23
CA ASP A 222 -18.53 -2.85 -30.65
C ASP A 222 -18.55 -1.45 -30.05
N GLN A 223 -19.73 -0.84 -30.04
CA GLN A 223 -19.81 0.57 -29.69
C GLN A 223 -20.57 0.81 -28.40
N GLU A 224 -21.03 -0.27 -27.76
CA GLU A 224 -21.81 -0.08 -26.51
C GLU A 224 -21.95 -1.44 -25.87
N THR A 225 -22.28 -1.44 -24.59
CA THR A 225 -22.58 -2.68 -23.88
C THR A 225 -23.97 -2.50 -23.30
N ILE A 226 -24.82 -3.49 -23.49
CA ILE A 226 -26.21 -3.47 -23.01
C ILE A 226 -26.30 -4.36 -21.79
N VAL A 227 -26.82 -3.82 -20.69
CA VAL A 227 -26.92 -4.58 -19.44
C VAL A 227 -28.37 -4.72 -19.08
N ARG A 228 -28.85 -5.97 -19.09
CA ARG A 228 -30.17 -6.30 -18.55
C ARG A 228 -30.04 -6.94 -17.16
N SER A 229 -30.90 -6.49 -16.25
CA SER A 229 -30.82 -6.95 -14.88
C SER A 229 -32.20 -7.14 -14.29
N VAL A 230 -32.43 -8.28 -13.66
CA VAL A 230 -33.65 -8.50 -12.88
C VAL A 230 -33.20 -8.66 -11.43
N LEU A 231 -33.77 -7.85 -10.55
CA LEU A 231 -33.46 -7.90 -9.12
C LEU A 231 -34.70 -8.47 -8.41
N ASP A 232 -34.56 -9.63 -7.74
CA ASP A 232 -35.68 -10.16 -6.97
C ASP A 232 -35.55 -9.55 -5.57
N MET A 233 -36.55 -8.76 -5.22
CA MET A 233 -36.46 -7.88 -4.07
C MET A 233 -37.54 -8.13 -3.05
N ASP A 234 -37.33 -7.56 -1.88
CA ASP A 234 -38.31 -7.66 -0.80
C ASP A 234 -38.24 -6.40 0.02
N ILE A 235 -39.27 -6.23 0.85
CA ILE A 235 -39.38 -5.14 1.81
C ILE A 235 -38.79 -5.55 3.14
N SER A 236 -37.85 -4.80 3.69
CA SER A 236 -37.28 -5.19 4.98
C SER A 236 -38.07 -4.72 6.21
N LYS A 237 -37.71 -5.27 7.37
CA LYS A 237 -38.42 -4.86 8.61
C LYS A 237 -38.15 -3.39 8.97
N HIS A 238 -37.18 -2.78 8.32
CA HIS A 238 -36.89 -1.37 8.58
C HIS A 238 -37.63 -0.42 7.69
N ASN A 239 -38.40 -0.99 6.76
CA ASN A 239 -39.07 -0.17 5.75
C ASN A 239 -40.12 0.71 6.39
N VAL A 240 -40.22 1.97 5.95
CA VAL A 240 -41.28 2.85 6.45
C VAL A 240 -42.05 3.51 5.32
N GLY A 241 -42.21 2.77 4.21
CA GLY A 241 -42.97 3.25 3.08
C GLY A 241 -42.21 4.28 2.24
N GLU A 242 -40.88 4.24 2.28
CA GLU A 242 -40.10 5.23 1.53
C GLU A 242 -40.06 4.94 0.04
N ASP A 243 -39.72 5.96 -0.73
CA ASP A 243 -39.37 5.77 -2.14
C ASP A 243 -38.26 4.73 -2.24
N LEU A 244 -38.29 4.00 -3.37
CA LEU A 244 -37.24 3.05 -3.70
C LEU A 244 -36.20 3.81 -4.50
N VAL A 245 -35.02 3.97 -3.92
CA VAL A 245 -33.94 4.71 -4.57
C VAL A 245 -32.77 3.78 -4.83
N PHE A 246 -32.44 3.71 -6.11
CA PHE A 246 -31.27 2.98 -6.57
C PHE A 246 -30.15 3.93 -6.90
N ASP A 247 -28.94 3.48 -6.65
CA ASP A 247 -27.76 4.08 -7.25
C ASP A 247 -27.68 3.68 -8.68
N GLY A 248 -27.29 4.61 -9.57
CA GLY A 248 -27.02 4.27 -10.95
C GLY A 248 -26.34 5.51 -11.52
N VAL A 249 -25.07 5.35 -11.92
CA VAL A 249 -24.28 6.53 -12.30
C VAL A 249 -23.92 6.42 -13.77
N GLY A 250 -24.41 7.39 -14.56
CA GLY A 250 -24.05 7.40 -15.94
C GLY A 250 -24.70 6.35 -16.80
N LEU A 251 -25.85 5.84 -16.41
CA LEU A 251 -26.54 4.78 -17.14
C LEU A 251 -27.50 5.38 -18.17
N LYS A 252 -27.61 4.82 -19.36
CA LYS A 252 -28.60 5.27 -20.34
C LYS A 252 -29.77 4.30 -20.20
N ILE A 253 -30.94 4.79 -19.78
CA ILE A 253 -32.09 3.88 -19.59
C ILE A 253 -32.77 3.51 -20.90
N ASN A 254 -32.87 2.21 -21.14
CA ASN A 254 -33.76 1.74 -22.23
C ASN A 254 -35.13 1.42 -21.70
N GLU A 255 -35.17 0.67 -20.62
CA GLU A 255 -36.45 0.54 -19.93
C GLU A 255 -36.27 0.10 -18.51
N ILE A 256 -37.29 0.40 -17.70
CA ILE A 256 -37.33 -0.12 -16.34
C ILE A 256 -38.73 -0.62 -16.07
N SER A 257 -38.82 -1.65 -15.22
CA SER A 257 -40.11 -2.26 -14.96
CA SER A 257 -40.12 -2.26 -14.97
C SER A 257 -40.13 -2.81 -13.55
N ILE A 258 -41.34 -2.96 -13.03
CA ILE A 258 -41.58 -3.64 -11.76
C ILE A 258 -42.62 -4.75 -12.05
N ASN A 259 -42.28 -5.97 -11.64
CA ASN A 259 -43.17 -7.11 -11.96
C ASN A 259 -43.63 -7.14 -13.44
N ASN A 260 -42.70 -6.83 -14.33
CA ASN A 260 -42.89 -6.90 -15.79
C ASN A 260 -43.85 -5.89 -16.33
N LYS A 261 -44.08 -4.82 -15.55
CA LYS A 261 -44.86 -3.70 -16.04
C LYS A 261 -43.92 -2.51 -16.17
N LYS A 262 -43.81 -2.01 -17.39
CA LYS A 262 -42.91 -0.91 -17.74
C LYS A 262 -43.29 0.34 -16.94
N LEU A 263 -42.31 1.00 -16.31
CA LEU A 263 -42.51 2.26 -15.57
C LEU A 263 -42.33 3.47 -16.48
N VAL A 264 -43.00 4.56 -16.17
CA VAL A 264 -42.97 5.73 -17.04
C VAL A 264 -42.26 6.86 -16.32
N GLU A 265 -41.26 7.43 -16.98
CA GLU A 265 -40.50 8.56 -16.42
C GLU A 265 -41.28 9.83 -16.02
N GLY A 266 -40.94 10.45 -14.92
CA GLY A 266 -41.69 11.61 -14.45
C GLY A 266 -42.86 11.28 -13.53
N GLU A 267 -43.71 10.37 -13.97
CA GLU A 267 -44.92 10.01 -13.19
C GLU A 267 -44.66 8.96 -12.09
N GLU A 268 -43.81 7.98 -12.41
CA GLU A 268 -43.54 6.84 -11.55
C GLU A 268 -42.10 6.79 -11.09
N TYR A 269 -41.22 7.40 -11.88
CA TYR A 269 -39.80 7.47 -11.47
C TYR A 269 -39.12 8.69 -12.02
N THR A 270 -38.03 9.11 -11.37
CA THR A 270 -37.14 10.13 -11.90
C THR A 270 -35.72 9.52 -11.90
N TYR A 271 -34.93 9.91 -12.90
CA TYR A 271 -33.49 9.56 -12.93
C TYR A 271 -32.65 10.81 -13.25
N ASP A 272 -31.64 11.09 -12.43
CA ASP A 272 -30.82 12.29 -12.55
C ASP A 272 -29.36 11.99 -12.85
N ASN A 273 -29.10 10.79 -13.38
CA ASN A 273 -27.76 10.26 -13.69
C ASN A 273 -26.96 9.81 -12.48
N GLU A 274 -27.55 9.83 -11.28
CA GLU A 274 -26.92 9.41 -10.06
C GLU A 274 -27.84 8.50 -9.27
N PHE A 275 -29.11 8.92 -9.20
CA PHE A 275 -30.11 8.16 -8.42
C PHE A 275 -31.36 7.89 -9.24
N LEU A 276 -31.86 6.67 -9.20
CA LEU A 276 -33.12 6.31 -9.83
C LEU A 276 -34.10 6.27 -8.69
N THR A 277 -35.12 7.15 -8.73
CA THR A 277 -36.09 7.21 -7.64
C THR A 277 -37.42 6.65 -8.15
N ILE A 278 -37.93 5.57 -7.56
CA ILE A 278 -39.29 5.07 -7.88
C ILE A 278 -40.19 5.47 -6.74
N PHE A 279 -41.22 6.28 -7.01
CA PHE A 279 -42.04 6.87 -5.96
C PHE A 279 -42.77 5.77 -5.22
N SER A 280 -42.84 5.92 -3.91
CA SER A 280 -43.28 4.81 -3.06
C SER A 280 -44.67 4.30 -3.42
N LYS A 281 -45.59 5.15 -3.88
CA LYS A 281 -46.88 4.62 -4.26
C LYS A 281 -46.78 3.52 -5.37
N PHE A 282 -45.67 3.45 -6.08
CA PHE A 282 -45.51 2.43 -7.10
C PHE A 282 -44.61 1.27 -6.68
N VAL A 283 -44.15 1.30 -5.44
CA VAL A 283 -43.30 0.23 -4.91
C VAL A 283 -44.18 -0.81 -4.24
N PRO A 284 -44.05 -2.11 -4.63
CA PRO A 284 -44.87 -3.13 -4.02
C PRO A 284 -44.61 -3.26 -2.51
N LYS A 285 -45.56 -3.86 -1.80
CA LYS A 285 -45.39 -3.99 -0.35
C LYS A 285 -44.95 -5.40 0.05
N SER A 286 -44.64 -6.24 -0.93
CA SER A 286 -44.16 -7.59 -0.65
C SER A 286 -43.17 -7.95 -1.74
N LYS A 287 -42.76 -9.21 -1.82
CA LYS A 287 -41.68 -9.57 -2.74
C LYS A 287 -42.03 -9.14 -4.16
N PHE A 288 -41.07 -8.51 -4.84
CA PHE A 288 -41.31 -8.07 -6.22
C PHE A 288 -40.04 -8.22 -7.06
N ALA A 289 -40.20 -8.10 -8.38
CA ALA A 289 -39.07 -8.10 -9.30
C ALA A 289 -38.89 -6.68 -9.85
N PHE A 290 -37.68 -6.16 -9.80
CA PHE A 290 -37.36 -4.90 -10.49
C PHE A 290 -36.51 -5.25 -11.70
N SER A 291 -36.83 -4.74 -12.88
CA SER A 291 -35.91 -5.06 -13.98
C SER A 291 -35.52 -3.78 -14.73
N SER A 292 -34.37 -3.82 -15.36
CA SER A 292 -33.93 -2.69 -16.18
C SER A 292 -33.12 -3.17 -17.35
N GLU A 293 -33.05 -2.32 -18.37
CA GLU A 293 -32.05 -2.47 -19.38
C GLU A 293 -31.41 -1.14 -19.62
N VAL A 294 -30.08 -1.12 -19.53
CA VAL A 294 -29.31 0.11 -19.68
C VAL A 294 -28.18 -0.10 -20.66
N ILE A 295 -27.68 1.03 -21.17
CA ILE A 295 -26.56 1.04 -22.08
C ILE A 295 -25.37 1.74 -21.40
N ILE A 296 -24.18 1.12 -21.44
CA ILE A 296 -22.97 1.72 -20.89
C ILE A 296 -21.88 1.58 -21.97
N HIS A 297 -20.74 2.25 -21.73
CA HIS A 297 -19.77 2.40 -22.82
C HIS A 297 -18.34 2.14 -22.33
N PRO A 298 -17.98 0.87 -22.18
CA PRO A 298 -16.65 0.60 -21.58
C PRO A 298 -15.48 1.16 -22.38
N GLU A 299 -15.60 1.25 -23.71
CA GLU A 299 -14.51 1.74 -24.58
C GLU A 299 -14.01 3.12 -24.17
N THR A 300 -14.93 3.98 -23.73
CA THR A 300 -14.55 5.36 -23.42
C THR A 300 -14.52 5.63 -21.91
N ASN A 301 -14.49 4.54 -21.12
CA ASN A 301 -14.51 4.69 -19.67
C ASN A 301 -13.09 4.71 -19.19
N TYR A 302 -12.47 5.88 -19.26
CA TYR A 302 -11.04 6.00 -18.93
C TYR A 302 -10.77 6.20 -17.45
N ALA A 303 -11.82 6.30 -16.63
CA ALA A 303 -11.64 6.42 -15.17
C ALA A 303 -11.39 5.03 -14.50
N LEU A 304 -11.63 3.96 -15.28
CA LEU A 304 -11.26 2.59 -14.88
C LEU A 304 -12.05 2.15 -13.63
N THR A 305 -13.33 2.56 -13.57
CA THR A 305 -14.24 2.17 -12.51
C THR A 305 -15.54 1.77 -13.21
N GLY A 306 -16.24 0.77 -12.65
CA GLY A 306 -17.39 0.19 -13.38
C GLY A 306 -16.87 -0.78 -14.41
N LEU A 307 -17.45 -0.78 -15.63
CA LEU A 307 -17.03 -1.68 -16.69
C LEU A 307 -16.20 -0.88 -17.72
N TYR A 308 -14.98 -1.35 -18.02
CA TYR A 308 -14.12 -0.60 -18.92
C TYR A 308 -13.25 -1.49 -19.77
N LYS A 309 -12.60 -0.87 -20.75
CA LYS A 309 -11.77 -1.58 -21.70
C LYS A 309 -10.32 -1.21 -21.41
N SER A 310 -9.49 -2.20 -21.16
CA SER A 310 -8.06 -2.02 -20.95
C SER A 310 -7.38 -2.72 -22.12
N LYS A 311 -6.90 -1.95 -23.10
CA LYS A 311 -6.31 -2.49 -24.30
C LYS A 311 -7.42 -3.30 -24.96
N ASN A 312 -7.25 -4.61 -25.10
CA ASN A 312 -8.33 -5.38 -25.76
C ASN A 312 -9.10 -6.24 -24.78
N ILE A 313 -9.03 -5.94 -23.48
CA ILE A 313 -9.71 -6.72 -22.45
C ILE A 313 -10.82 -5.87 -21.85
N ILE A 314 -12.05 -6.42 -21.77
CA ILE A 314 -13.16 -5.78 -21.03
C ILE A 314 -13.08 -6.28 -19.59
N VAL A 315 -13.13 -5.36 -18.63
CA VAL A 315 -12.87 -5.74 -17.24
C VAL A 315 -13.67 -4.82 -16.32
N SER A 316 -14.08 -5.30 -15.15
CA SER A 316 -14.78 -4.42 -14.19
C SER A 316 -13.92 -4.08 -12.98
N GLN A 317 -14.26 -2.98 -12.34
CA GLN A 317 -13.71 -2.67 -11.00
C GLN A 317 -14.87 -2.03 -10.23
N CYS A 318 -15.38 -2.77 -9.26
CA CYS A 318 -16.59 -2.32 -8.60
C CYS A 318 -16.36 -1.80 -7.19
N GLU A 319 -15.27 -2.16 -6.51
CA GLU A 319 -15.04 -1.54 -5.18
C GLU A 319 -14.67 -0.09 -5.37
N ALA A 320 -15.17 0.84 -4.56
CA ALA A 320 -16.20 0.64 -3.53
C ALA A 320 -17.61 0.72 -4.06
N THR A 321 -17.89 1.78 -4.83
CA THR A 321 -19.27 2.04 -5.33
C THR A 321 -19.26 2.14 -6.86
N GLY A 322 -18.58 1.19 -7.49
CA GLY A 322 -18.51 1.13 -8.94
C GLY A 322 -19.59 0.22 -9.56
N PHE A 323 -20.22 -0.69 -8.79
CA PHE A 323 -21.25 -1.52 -9.42
C PHE A 323 -22.39 -0.66 -9.98
N ARG A 324 -22.70 0.46 -9.33
CA ARG A 324 -23.79 1.35 -9.81
C ARG A 324 -23.42 2.02 -11.15
N ARG A 325 -22.19 1.87 -11.60
CA ARG A 325 -21.85 2.34 -12.96
C ARG A 325 -22.09 1.27 -14.01
N ILE A 326 -22.53 0.08 -13.58
CA ILE A 326 -22.84 -1.02 -14.49
C ILE A 326 -24.36 -1.22 -14.60
N THR A 327 -25.06 -1.17 -13.46
CA THR A 327 -26.51 -1.27 -13.47
C THR A 327 -27.04 -0.69 -12.17
N PHE A 328 -28.36 -0.53 -12.08
CA PHE A 328 -28.99 -0.01 -10.87
C PHE A 328 -28.83 -0.95 -9.70
N PHE A 329 -28.52 -0.40 -8.54
CA PHE A 329 -28.43 -1.31 -7.36
C PHE A 329 -28.57 -0.47 -6.12
N ILE A 330 -28.81 -1.08 -4.99
CA ILE A 330 -28.59 -0.36 -3.74
C ILE A 330 -27.14 -0.67 -3.30
N ASP A 331 -26.24 0.20 -3.71
CA ASP A 331 -24.81 -0.13 -3.82
C ASP A 331 -24.10 0.14 -2.53
N ARG A 332 -24.18 -0.83 -1.63
CA ARG A 332 -23.60 -0.73 -0.28
C ARG A 332 -23.39 -2.18 0.15
N PRO A 333 -22.34 -2.44 0.93
CA PRO A 333 -21.88 -3.84 1.14
C PRO A 333 -22.77 -4.63 2.06
N ASP A 334 -23.72 -4.03 2.75
CA ASP A 334 -24.66 -4.83 3.54
C ASP A 334 -25.85 -5.36 2.75
N MET A 335 -25.91 -5.05 1.44
CA MET A 335 -26.99 -5.56 0.58
C MET A 335 -26.52 -6.83 -0.12
N MET A 336 -26.52 -7.95 0.60
CA MET A 336 -25.96 -9.21 0.09
C MET A 336 -26.96 -9.95 -0.76
N ALA A 337 -26.49 -10.57 -1.85
CA ALA A 337 -27.40 -11.23 -2.79
C ALA A 337 -26.71 -12.36 -3.55
N LYS A 338 -27.55 -13.19 -4.16
CA LYS A 338 -27.14 -14.26 -5.05
C LYS A 338 -27.04 -13.68 -6.46
N TYR A 339 -26.07 -14.15 -7.25
CA TYR A 339 -25.82 -13.65 -8.63
C TYR A 339 -25.84 -14.76 -9.67
N ASP A 340 -26.55 -14.51 -10.76
CA ASP A 340 -26.61 -15.40 -11.90
C ASP A 340 -26.28 -14.49 -13.08
N VAL A 341 -25.13 -14.67 -13.73
CA VAL A 341 -24.63 -13.70 -14.69
C VAL A 341 -24.34 -14.35 -16.03
N THR A 342 -24.93 -13.80 -17.10
CA THR A 342 -24.59 -14.23 -18.43
C THR A 342 -23.86 -13.09 -19.16
N VAL A 343 -22.75 -13.43 -19.82
CA VAL A 343 -21.97 -12.50 -20.60
C VAL A 343 -21.98 -12.98 -22.05
N THR A 344 -22.20 -12.04 -22.99
CA THR A 344 -22.13 -12.41 -24.42
C THR A 344 -21.26 -11.39 -25.13
N ALA A 345 -20.63 -11.84 -26.21
CA ALA A 345 -19.62 -11.03 -26.87
C ALA A 345 -19.27 -11.65 -28.20
N ASP A 346 -18.59 -10.87 -29.05
CA ASP A 346 -17.99 -11.42 -30.26
C ASP A 346 -16.94 -12.48 -29.92
N LYS A 347 -17.02 -13.61 -30.56
CA LYS A 347 -16.21 -14.74 -30.13
C LYS A 347 -14.75 -14.59 -30.52
N GLU A 348 -14.50 -14.07 -31.72
CA GLU A 348 -13.12 -13.77 -32.14
C GLU A 348 -12.45 -12.73 -31.24
N LYS A 349 -13.13 -11.63 -30.88
CA LYS A 349 -12.47 -10.64 -30.06
C LYS A 349 -12.35 -11.10 -28.60
N TYR A 350 -13.36 -11.81 -28.14
CA TYR A 350 -13.48 -12.12 -26.71
C TYR A 350 -13.72 -13.58 -26.42
N PRO A 351 -12.76 -14.45 -26.74
CA PRO A 351 -13.06 -15.88 -26.58
C PRO A 351 -13.13 -16.36 -25.14
N VAL A 352 -12.48 -15.63 -24.22
CA VAL A 352 -12.53 -16.04 -22.81
C VAL A 352 -13.48 -15.12 -22.07
N LEU A 353 -14.49 -15.70 -21.44
CA LEU A 353 -15.50 -14.98 -20.64
C LEU A 353 -15.46 -15.49 -19.21
N LEU A 354 -15.38 -14.59 -18.23
CA LEU A 354 -15.29 -15.01 -16.83
C LEU A 354 -16.21 -14.13 -15.99
N SER A 355 -16.80 -14.71 -14.97
CA SER A 355 -17.43 -13.94 -13.89
C SER A 355 -17.30 -14.76 -12.62
N ASN A 356 -17.90 -14.30 -11.54
CA ASN A 356 -17.88 -15.06 -10.32
C ASN A 356 -18.69 -16.38 -10.37
N GLY A 357 -18.33 -17.34 -9.53
CA GLY A 357 -19.10 -18.59 -9.44
C GLY A 357 -18.75 -19.66 -10.45
N ASP A 358 -19.67 -20.61 -10.61
CA ASP A 358 -19.41 -21.73 -11.53
C ASP A 358 -19.89 -21.41 -12.92
N LYS A 359 -19.07 -21.72 -13.94
CA LYS A 359 -19.53 -21.61 -15.30
C LYS A 359 -20.48 -22.77 -15.56
N VAL A 360 -21.74 -22.46 -15.81
CA VAL A 360 -22.76 -23.54 -15.93
C VAL A 360 -23.30 -23.71 -17.36
N ASN A 361 -23.05 -22.76 -18.25
CA ASN A 361 -23.40 -22.93 -19.66
C ASN A 361 -22.46 -22.14 -20.56
N GLU A 362 -22.25 -22.63 -21.77
CA GLU A 362 -21.48 -21.93 -22.80
C GLU A 362 -22.25 -22.18 -24.07
N PHE A 363 -22.42 -21.16 -24.90
CA PHE A 363 -23.29 -21.37 -26.05
C PHE A 363 -22.95 -20.45 -27.17
N GLU A 364 -23.32 -20.87 -28.39
CA GLU A 364 -23.07 -20.06 -29.57
C GLU A 364 -24.26 -19.16 -29.81
N ILE A 365 -24.03 -18.04 -30.47
CA ILE A 365 -25.04 -17.04 -30.79
C ILE A 365 -24.84 -16.62 -32.25
N PRO A 366 -25.95 -16.41 -32.98
CA PRO A 366 -25.82 -15.97 -34.38
C PRO A 366 -24.95 -14.72 -34.57
N GLY A 367 -24.29 -14.63 -35.71
CA GLY A 367 -23.47 -13.47 -36.00
C GLY A 367 -22.08 -13.47 -35.38
N GLY A 368 -21.53 -14.64 -35.09
CA GLY A 368 -20.15 -14.66 -34.62
C GLY A 368 -20.00 -14.36 -33.14
N ARG A 369 -21.09 -14.49 -32.40
CA ARG A 369 -21.09 -14.25 -30.93
C ARG A 369 -21.11 -15.57 -30.14
N HIS A 370 -20.68 -15.49 -28.89
CA HIS A 370 -21.01 -16.53 -27.97
C HIS A 370 -21.36 -15.94 -26.56
N GLY A 371 -21.82 -16.84 -25.67
CA GLY A 371 -22.15 -16.46 -24.31
C GLY A 371 -21.68 -17.49 -23.29
N ALA A 372 -21.52 -17.05 -22.05
CA ALA A 372 -21.29 -17.97 -20.95
C ALA A 372 -22.14 -17.51 -19.78
N ARG A 373 -22.67 -18.49 -19.05
CA ARG A 373 -23.47 -18.23 -17.85
C ARG A 373 -22.72 -18.72 -16.61
N PHE A 374 -22.65 -17.86 -15.59
CA PHE A 374 -21.97 -18.10 -14.34
C PHE A 374 -22.97 -18.00 -13.19
N ASN A 375 -23.11 -19.05 -12.38
CA ASN A 375 -24.04 -18.97 -11.25
C ASN A 375 -23.27 -19.03 -9.97
N ASP A 376 -23.47 -18.03 -9.10
CA ASP A 376 -22.67 -17.90 -7.87
C ASP A 376 -23.66 -17.88 -6.71
N PRO A 377 -24.02 -19.05 -6.19
CA PRO A 377 -25.11 -19.00 -5.18
C PRO A 377 -24.80 -18.38 -3.80
N PRO A 378 -23.57 -18.44 -3.28
CA PRO A 378 -23.34 -17.82 -1.97
C PRO A 378 -23.61 -16.31 -1.98
N LEU A 379 -24.24 -15.78 -0.94
CA LEU A 379 -24.41 -14.31 -0.86
C LEU A 379 -23.12 -13.55 -0.97
N LYS A 380 -23.16 -12.39 -1.66
CA LYS A 380 -22.00 -11.50 -1.66
C LYS A 380 -22.48 -10.05 -1.83
N PRO A 381 -21.67 -9.09 -1.35
CA PRO A 381 -21.93 -7.70 -1.64
C PRO A 381 -21.56 -7.42 -3.11
N CYS A 382 -22.14 -6.38 -3.67
CA CYS A 382 -21.96 -6.11 -5.12
C CYS A 382 -20.54 -5.62 -5.45
N TYR A 383 -19.77 -5.09 -4.46
CA TYR A 383 -18.41 -4.64 -4.80
C TYR A 383 -17.50 -5.83 -5.13
N LEU A 384 -17.97 -7.05 -4.86
CA LEU A 384 -17.13 -8.23 -5.17
C LEU A 384 -17.55 -8.88 -6.50
N PHE A 385 -18.57 -8.34 -7.17
CA PHE A 385 -18.89 -8.74 -8.56
C PHE A 385 -17.74 -8.40 -9.50
N ALA A 386 -17.43 -9.32 -10.42
CA ALA A 386 -16.53 -8.98 -11.53
C ALA A 386 -16.93 -9.70 -12.80
N VAL A 387 -16.51 -9.09 -13.92
CA VAL A 387 -16.60 -9.76 -15.22
C VAL A 387 -15.36 -9.41 -16.00
N VAL A 388 -14.90 -10.38 -16.79
CA VAL A 388 -13.75 -10.19 -17.70
C VAL A 388 -14.07 -10.82 -19.02
N ALA A 389 -13.72 -10.13 -20.11
CA ALA A 389 -13.89 -10.76 -21.43
C ALA A 389 -12.61 -10.42 -22.21
N GLY A 390 -12.05 -11.41 -22.92
CA GLY A 390 -10.91 -11.07 -23.77
C GLY A 390 -10.22 -12.27 -24.37
N ASP A 391 -9.18 -12.01 -25.17
CA ASP A 391 -8.42 -13.07 -25.78
C ASP A 391 -7.31 -13.49 -24.83
N LEU A 392 -7.68 -14.08 -23.70
CA LEU A 392 -6.70 -14.34 -22.65
C LEU A 392 -6.05 -15.70 -22.81
N LYS A 393 -4.79 -15.78 -22.38
CA LYS A 393 -4.01 -17.01 -22.37
C LYS A 393 -3.69 -17.29 -20.90
N HIS A 394 -3.38 -18.53 -20.54
CA HIS A 394 -3.27 -18.86 -19.13
C HIS A 394 -2.23 -19.94 -18.84
N LEU A 395 -1.87 -19.96 -17.58
CA LEU A 395 -1.23 -21.13 -16.93
C LEU A 395 -2.21 -21.63 -15.90
N SER A 396 -2.18 -22.93 -15.61
CA SER A 396 -3.07 -23.46 -14.59
C SER A 396 -2.37 -24.54 -13.77
N ALA A 397 -2.93 -24.79 -12.60
CA ALA A 397 -2.46 -25.90 -11.75
C ALA A 397 -3.63 -26.39 -10.93
N THR A 398 -3.44 -27.50 -10.23
CA THR A 398 -4.49 -28.01 -9.34
C THR A 398 -3.90 -28.04 -7.96
N TYR A 399 -4.61 -27.47 -6.99
CA TYR A 399 -4.18 -27.46 -5.61
C TYR A 399 -5.12 -28.36 -4.81
N ILE A 400 -4.58 -29.19 -3.90
CA ILE A 400 -5.45 -30.03 -3.06
C ILE A 400 -5.41 -29.51 -1.63
N THR A 401 -6.58 -29.19 -1.07
CA THR A 401 -6.59 -28.54 0.22
C THR A 401 -6.15 -29.49 1.34
N LYS A 402 -5.65 -28.94 2.43
CA LYS A 402 -4.92 -29.70 3.46
C LYS A 402 -5.81 -30.65 4.26
N TYR A 403 -7.03 -30.21 4.54
CA TYR A 403 -7.87 -30.99 5.45
C TYR A 403 -9.01 -31.68 4.75
N THR A 404 -9.77 -30.94 3.97
CA THR A 404 -10.90 -31.53 3.30
C THR A 404 -10.48 -32.18 1.98
N LYS A 405 -9.24 -31.97 1.56
CA LYS A 405 -8.71 -32.60 0.34
C LYS A 405 -9.51 -32.26 -0.91
N LYS A 406 -10.11 -31.08 -0.96
CA LYS A 406 -10.82 -30.55 -2.12
C LYS A 406 -9.80 -30.20 -3.23
N LYS A 407 -10.12 -30.53 -4.47
CA LYS A 407 -9.32 -30.12 -5.61
C LYS A 407 -9.74 -28.70 -6.00
N VAL A 408 -8.80 -27.76 -6.01
CA VAL A 408 -9.06 -26.40 -6.49
C VAL A 408 -8.30 -26.14 -7.81
N GLU A 409 -9.00 -25.72 -8.86
CA GLU A 409 -8.33 -25.34 -10.10
CA GLU A 409 -8.31 -25.33 -10.10
C GLU A 409 -7.83 -23.89 -10.02
N LEU A 410 -6.53 -23.67 -10.24
CA LEU A 410 -5.91 -22.35 -10.23
C LEU A 410 -5.60 -21.91 -11.65
N TYR A 411 -6.09 -20.73 -12.08
CA TYR A 411 -5.82 -20.21 -13.43
C TYR A 411 -5.26 -18.84 -13.30
N VAL A 412 -4.21 -18.56 -14.04
CA VAL A 412 -3.67 -17.19 -14.09
C VAL A 412 -3.65 -16.81 -15.58
N PHE A 413 -4.18 -15.59 -15.84
CA PHE A 413 -4.47 -15.16 -17.20
C PHE A 413 -3.76 -13.87 -17.51
N SER A 414 -3.28 -13.74 -18.72
CA SER A 414 -2.85 -12.45 -19.28
C SER A 414 -3.16 -12.36 -20.79
N GLU A 415 -2.86 -11.21 -21.38
CA GLU A 415 -2.80 -11.20 -22.84
C GLU A 415 -1.72 -12.12 -23.36
N GLU A 416 -1.87 -12.52 -24.63
CA GLU A 416 -0.99 -13.54 -25.23
C GLU A 416 0.48 -13.13 -25.21
N LYS A 417 0.75 -11.85 -25.42
CA LYS A 417 2.12 -11.36 -25.53
C LYS A 417 2.91 -11.65 -24.23
N TYR A 418 2.21 -11.74 -23.09
CA TYR A 418 2.96 -11.82 -21.84
C TYR A 418 2.71 -13.08 -21.04
N VAL A 419 2.20 -14.10 -21.73
CA VAL A 419 1.79 -15.26 -21.01
C VAL A 419 3.01 -15.96 -20.36
N SER A 420 4.22 -15.71 -20.87
CA SER A 420 5.42 -16.26 -20.24
C SER A 420 5.81 -15.55 -18.96
N LYS A 421 5.04 -14.55 -18.54
CA LYS A 421 5.36 -13.80 -17.31
C LYS A 421 4.44 -14.22 -16.17
N LEU A 422 3.70 -15.34 -16.37
CA LEU A 422 2.66 -15.72 -15.40
C LEU A 422 3.15 -16.71 -14.31
N GLN A 423 4.32 -17.32 -14.50
CA GLN A 423 4.69 -18.44 -13.65
C GLN A 423 4.88 -18.09 -12.18
N TRP A 424 5.55 -16.98 -11.87
CA TRP A 424 5.80 -16.68 -10.48
C TRP A 424 4.47 -16.42 -9.76
N ALA A 425 3.52 -15.73 -10.41
CA ALA A 425 2.23 -15.52 -9.73
C ALA A 425 1.55 -16.81 -9.31
N LEU A 426 1.60 -17.82 -10.19
CA LEU A 426 0.95 -19.12 -9.91
C LEU A 426 1.65 -19.76 -8.70
N GLU A 427 2.99 -19.68 -8.65
CA GLU A 427 3.71 -20.17 -7.47
C GLU A 427 3.30 -19.42 -6.21
N CYS A 428 3.14 -18.09 -6.33
CA CYS A 428 2.80 -17.28 -5.17
C CYS A 428 1.41 -17.67 -4.66
N LEU A 429 0.49 -17.99 -5.60
CA LEU A 429 -0.88 -18.30 -5.18
C LEU A 429 -0.86 -19.64 -4.40
N LYS A 430 -0.10 -20.62 -4.90
CA LYS A 430 0.08 -21.88 -4.17
C LYS A 430 0.63 -21.62 -2.76
N LYS A 431 1.62 -20.77 -2.69
CA LYS A 431 2.21 -20.44 -1.38
C LYS A 431 1.23 -19.78 -0.42
N SER A 432 0.43 -18.86 -0.94
CA SER A 432 -0.62 -18.18 -0.18
C SER A 432 -1.62 -19.17 0.42
N MET A 433 -2.10 -20.07 -0.45
CA MET A 433 -3.06 -21.07 0.00
C MET A 433 -2.51 -21.90 1.16
N ALA A 434 -1.26 -22.32 0.98
CA ALA A 434 -0.61 -23.13 2.02
C ALA A 434 -0.45 -22.35 3.31
N PHE A 435 -0.11 -21.05 3.24
CA PHE A 435 0.13 -20.31 4.44
C PHE A 435 -1.16 -20.14 5.22
N ASP A 436 -2.26 -19.85 4.54
CA ASP A 436 -3.54 -19.71 5.30
C ASP A 436 -3.90 -21.06 5.94
N GLU A 437 -3.63 -22.15 5.24
CA GLU A 437 -3.83 -23.47 5.82
C GLU A 437 -2.96 -23.67 7.04
N ASP A 438 -1.69 -23.33 6.91
CA ASP A 438 -0.72 -23.74 7.91
C ASP A 438 -0.76 -22.84 9.16
N TYR A 439 -0.87 -21.51 8.97
CA TYR A 439 -0.87 -20.62 10.10
C TYR A 439 -2.27 -20.52 10.72
N PHE A 440 -3.27 -20.39 9.86
CA PHE A 440 -4.62 -20.05 10.33
C PHE A 440 -5.63 -21.20 10.27
N GLY A 441 -5.20 -22.34 9.68
CA GLY A 441 -6.07 -23.49 9.51
C GLY A 441 -7.24 -23.25 8.55
N LEU A 442 -7.07 -22.33 7.63
CA LEU A 442 -8.15 -21.92 6.71
C LEU A 442 -7.92 -22.47 5.29
N GLU A 443 -8.90 -23.18 4.75
CA GLU A 443 -8.87 -23.66 3.38
C GLU A 443 -9.75 -22.89 2.43
N TYR A 444 -9.38 -22.90 1.18
CA TYR A 444 -10.26 -22.33 0.14
C TYR A 444 -11.50 -23.18 -0.03
N ASP A 445 -12.63 -22.52 -0.26
CA ASP A 445 -13.96 -23.11 -0.27
C ASP A 445 -14.58 -23.33 -1.65
N LEU A 446 -13.98 -22.80 -2.69
CA LEU A 446 -14.52 -22.82 -4.04
C LEU A 446 -13.73 -23.71 -4.96
N SER A 447 -14.32 -24.13 -6.07
CA SER A 447 -13.65 -25.13 -6.88
C SER A 447 -12.57 -24.52 -7.82
N ARG A 448 -12.58 -23.19 -7.98
CA ARG A 448 -11.67 -22.57 -8.96
C ARG A 448 -11.35 -21.16 -8.47
N LEU A 449 -10.11 -20.72 -8.72
CA LEU A 449 -9.72 -19.35 -8.49
C LEU A 449 -8.97 -18.82 -9.69
N ASN A 450 -9.45 -17.71 -10.27
CA ASN A 450 -8.83 -17.12 -11.43
C ASN A 450 -8.12 -15.81 -11.04
N LEU A 451 -6.88 -15.64 -11.52
CA LEU A 451 -6.17 -14.35 -11.40
C LEU A 451 -6.02 -13.79 -12.80
N VAL A 452 -6.31 -12.48 -13.00
CA VAL A 452 -6.22 -11.93 -14.35
C VAL A 452 -5.43 -10.65 -14.30
N ALA A 453 -4.43 -10.57 -15.19
CA ALA A 453 -3.67 -9.29 -15.34
C ALA A 453 -4.27 -8.36 -16.39
N VAL A 454 -4.43 -7.08 -16.06
CA VAL A 454 -4.82 -6.10 -17.07
C VAL A 454 -3.84 -4.92 -16.99
N SER A 455 -3.67 -4.22 -18.12
CA SER A 455 -2.67 -3.16 -18.26
C SER A 455 -3.06 -1.86 -17.60
N ASP A 456 -4.36 -1.62 -17.53
CA ASP A 456 -4.87 -0.34 -17.01
C ASP A 456 -5.61 -0.59 -15.72
N PHE A 457 -5.07 -0.13 -14.59
CA PHE A 457 -5.65 -0.40 -13.29
C PHE A 457 -5.29 0.72 -12.35
N ASN A 458 -6.27 1.15 -11.58
CA ASN A 458 -6.02 2.32 -10.67
C ASN A 458 -5.08 2.00 -9.52
N VAL A 459 -5.05 0.75 -9.05
CA VAL A 459 -4.30 0.36 -7.86
C VAL A 459 -3.52 -0.90 -8.16
N GLY A 460 -3.26 -1.73 -7.14
CA GLY A 460 -2.48 -2.95 -7.33
C GLY A 460 -3.32 -4.17 -7.80
N ALA A 461 -4.38 -4.44 -7.04
CA ALA A 461 -5.28 -5.59 -7.42
C ALA A 461 -6.54 -5.57 -6.59
N MET A 462 -7.46 -6.47 -6.95
CA MET A 462 -8.78 -6.47 -6.36
C MET A 462 -9.30 -7.89 -6.10
N GLU A 463 -9.92 -8.11 -4.95
CA GLU A 463 -10.21 -9.48 -4.50
C GLU A 463 -11.59 -10.00 -4.94
N ASN A 464 -12.05 -9.65 -6.14
CA ASN A 464 -13.38 -10.16 -6.53
C ASN A 464 -13.43 -11.67 -6.37
N LYS A 465 -14.55 -12.16 -5.86
CA LYS A 465 -14.59 -13.56 -5.38
C LYS A 465 -14.35 -14.54 -6.53
N GLY A 466 -13.29 -15.34 -6.45
CA GLY A 466 -12.93 -16.31 -7.47
C GLY A 466 -12.37 -15.76 -8.75
N LEU A 467 -12.22 -14.42 -8.80
CA LEU A 467 -11.86 -13.71 -10.03
C LEU A 467 -11.06 -12.46 -9.64
N ASN A 468 -9.84 -12.70 -9.13
CA ASN A 468 -9.02 -11.57 -8.64
C ASN A 468 -8.39 -10.90 -9.83
N ILE A 469 -8.50 -9.57 -9.89
CA ILE A 469 -8.04 -8.84 -11.05
C ILE A 469 -6.87 -7.92 -10.60
N PHE A 470 -5.79 -7.95 -11.40
CA PHE A 470 -4.52 -7.31 -11.04
C PHE A 470 -4.11 -6.28 -12.06
N ASN A 471 -3.51 -5.19 -11.55
CA ASN A 471 -2.59 -4.42 -12.36
C ASN A 471 -1.51 -5.42 -12.87
N ALA A 472 -1.23 -5.39 -14.15
CA ALA A 472 -0.21 -6.32 -14.69
C ALA A 472 1.12 -6.13 -13.94
N ASN A 473 1.42 -4.89 -13.44
CA ASN A 473 2.71 -4.76 -12.71
C ASN A 473 2.76 -5.48 -11.38
N SER A 474 1.61 -6.00 -10.93
CA SER A 474 1.58 -6.69 -9.64
C SER A 474 1.23 -8.16 -9.84
N LEU A 475 1.29 -8.66 -11.07
CA LEU A 475 1.06 -10.10 -11.35
C LEU A 475 2.15 -10.67 -12.24
N LEU A 476 2.68 -9.90 -13.19
CA LEU A 476 3.54 -10.45 -14.26
C LEU A 476 5.02 -10.15 -14.02
N ALA A 477 5.88 -11.12 -14.23
CA ALA A 477 7.32 -10.86 -14.11
C ALA A 477 8.05 -11.93 -14.91
N SER A 478 9.26 -11.60 -15.32
CA SER A 478 10.22 -12.61 -15.71
C SER A 478 11.62 -12.10 -15.43
N LYS A 479 12.59 -13.01 -15.29
CA LYS A 479 13.88 -12.52 -14.81
C LYS A 479 14.56 -11.63 -15.84
N LYS A 480 14.26 -11.81 -17.12
CA LYS A 480 14.84 -10.98 -18.16
C LYS A 480 14.20 -9.59 -18.28
N ASN A 481 12.92 -9.52 -17.94
CA ASN A 481 12.09 -8.34 -18.22
C ASN A 481 11.51 -7.64 -17.00
N SER A 482 12.02 -7.98 -15.79
CA SER A 482 11.49 -7.36 -14.56
C SER A 482 12.62 -7.02 -13.62
N ILE A 483 12.46 -5.95 -12.85
CA ILE A 483 13.42 -5.70 -11.79
C ILE A 483 13.07 -6.60 -10.61
N ASP A 484 14.04 -6.70 -9.71
CA ASP A 484 13.88 -7.60 -8.57
C ASP A 484 12.65 -7.30 -7.72
N PHE A 485 12.32 -6.02 -7.56
CA PHE A 485 11.20 -5.65 -6.71
CA PHE A 485 11.20 -5.60 -6.74
C PHE A 485 9.92 -6.27 -7.17
N SER A 486 9.80 -6.58 -8.46
CA SER A 486 8.57 -7.22 -8.92
C SER A 486 8.26 -8.51 -8.16
N TYR A 487 9.30 -9.26 -7.79
CA TYR A 487 9.07 -10.59 -7.19
C TYR A 487 8.43 -10.46 -5.82
N ALA A 488 8.95 -9.57 -4.95
CA ALA A 488 8.26 -9.34 -3.67
C ALA A 488 6.90 -8.71 -3.91
N ARG A 489 6.79 -7.81 -4.89
CA ARG A 489 5.47 -7.19 -5.13
C ARG A 489 4.38 -8.19 -5.48
N ILE A 490 4.70 -9.07 -6.42
CA ILE A 490 3.74 -10.10 -6.84
C ILE A 490 3.42 -11.04 -5.66
N LEU A 491 4.45 -11.44 -4.90
CA LEU A 491 4.15 -12.30 -3.74
C LEU A 491 3.17 -11.58 -2.76
N THR A 492 3.42 -10.31 -2.50
CA THR A 492 2.60 -9.50 -1.62
C THR A 492 1.17 -9.34 -2.11
N VAL A 493 1.03 -9.04 -3.40
CA VAL A 493 -0.29 -8.65 -3.91
C VAL A 493 -1.10 -9.93 -4.19
N VAL A 494 -0.50 -11.01 -4.74
CA VAL A 494 -1.24 -12.26 -4.87
C VAL A 494 -1.66 -12.72 -3.44
N GLY A 495 -0.74 -12.66 -2.47
CA GLY A 495 -1.13 -13.11 -1.13
C GLY A 495 -2.24 -12.27 -0.53
N HIS A 496 -2.09 -10.95 -0.68
CA HIS A 496 -3.07 -10.03 -0.13
C HIS A 496 -4.47 -10.39 -0.68
N GLU A 497 -4.58 -10.51 -2.01
CA GLU A 497 -5.93 -10.78 -2.55
C GLU A 497 -6.43 -12.14 -2.12
N TYR A 498 -5.55 -13.14 -2.04
CA TYR A 498 -5.97 -14.47 -1.59
C TYR A 498 -6.47 -14.40 -0.14
N PHE A 499 -5.76 -13.66 0.75
CA PHE A 499 -6.17 -13.63 2.17
C PHE A 499 -7.47 -12.90 2.36
N HIS A 500 -7.84 -12.06 1.40
CA HIS A 500 -9.19 -11.49 1.50
C HIS A 500 -10.33 -12.52 1.39
N GLN A 501 -10.07 -13.73 0.86
CA GLN A 501 -11.19 -14.65 0.66
C GLN A 501 -11.85 -14.90 2.01
N TYR A 502 -11.05 -14.96 3.10
CA TYR A 502 -11.68 -14.92 4.42
C TYR A 502 -11.91 -13.52 4.95
N THR A 503 -10.87 -12.68 5.00
CA THR A 503 -10.99 -11.38 5.67
C THR A 503 -11.39 -10.30 4.64
N GLY A 504 -12.70 -10.29 4.37
CA GLY A 504 -13.26 -9.35 3.40
C GLY A 504 -14.37 -10.03 2.57
N ASN A 505 -14.17 -11.27 2.18
CA ASN A 505 -15.15 -11.91 1.26
C ASN A 505 -16.12 -12.78 2.05
N ARG A 506 -15.61 -13.76 2.78
CA ARG A 506 -16.44 -14.61 3.63
C ARG A 506 -16.96 -13.87 4.84
N VAL A 507 -16.10 -13.07 5.49
CA VAL A 507 -16.53 -12.11 6.50
C VAL A 507 -16.39 -10.74 5.82
N THR A 508 -17.51 -10.05 5.54
CA THR A 508 -17.39 -8.80 4.80
C THR A 508 -17.74 -7.61 5.70
N LEU A 509 -17.98 -6.47 5.10
CA LEU A 509 -18.14 -5.22 5.84
C LEU A 509 -19.59 -4.83 5.98
N ARG A 510 -19.95 -4.33 7.15
CA ARG A 510 -21.30 -3.78 7.31
C ARG A 510 -21.49 -2.53 6.48
N ASP A 511 -20.44 -1.73 6.38
CA ASP A 511 -20.50 -0.41 5.75
C ASP A 511 -19.06 -0.01 5.48
N TRP A 512 -18.85 1.06 4.71
CA TRP A 512 -17.47 1.40 4.26
C TRP A 512 -16.60 1.98 5.37
N PHE A 513 -17.26 2.47 6.42
CA PHE A 513 -16.44 2.97 7.55
C PHE A 513 -15.65 1.83 8.19
N GLN A 514 -16.08 0.58 7.98
CA GLN A 514 -15.30 -0.57 8.47
C GLN A 514 -14.17 -1.00 7.56
N LEU A 515 -13.79 -0.20 6.56
CA LEU A 515 -12.80 -0.64 5.56
C LEU A 515 -11.53 -1.27 6.19
N THR A 516 -10.98 -0.62 7.21
CA THR A 516 -9.74 -1.15 7.84
C THR A 516 -9.92 -2.58 8.41
N LEU A 517 -11.15 -2.93 8.78
CA LEU A 517 -11.41 -4.28 9.25
C LEU A 517 -11.01 -5.33 8.20
N LYS A 518 -11.29 -5.08 6.92
CA LYS A 518 -10.76 -6.01 5.91
C LYS A 518 -9.39 -5.61 5.37
N GLU A 519 -9.08 -4.30 5.26
CA GLU A 519 -7.77 -3.94 4.67
C GLU A 519 -6.62 -3.99 5.68
N GLY A 520 -6.80 -3.38 6.83
CA GLY A 520 -5.73 -3.51 7.85
C GLY A 520 -5.49 -4.96 8.21
N LEU A 521 -6.57 -5.78 8.32
CA LEU A 521 -6.37 -7.14 8.75
C LEU A 521 -5.72 -7.99 7.59
N THR A 522 -6.06 -7.68 6.35
CA THR A 522 -5.51 -8.43 5.23
C THR A 522 -4.06 -8.01 4.95
N VAL A 523 -3.72 -6.71 5.11
CA VAL A 523 -2.30 -6.30 5.02
C VAL A 523 -1.49 -7.02 6.14
N HIS A 524 -2.07 -7.15 7.34
CA HIS A 524 -1.35 -7.86 8.44
C HIS A 524 -1.15 -9.33 8.08
N ARG A 525 -2.21 -9.96 7.52
CA ARG A 525 -2.04 -11.38 7.05
C ARG A 525 -0.96 -11.48 5.95
N GLU A 526 -0.96 -10.51 5.03
CA GLU A 526 0.02 -10.54 3.93
C GLU A 526 1.42 -10.31 4.51
N ASN A 527 1.56 -9.45 5.52
CA ASN A 527 2.94 -9.29 6.03
C ASN A 527 3.41 -10.50 6.82
N LEU A 528 2.54 -11.19 7.54
CA LEU A 528 2.95 -12.45 8.20
C LEU A 528 3.41 -13.46 7.16
N PHE A 529 2.64 -13.50 6.06
CA PHE A 529 2.97 -14.42 4.98
C PHE A 529 4.31 -14.06 4.34
N SER A 530 4.48 -12.79 3.98
CA SER A 530 5.68 -12.44 3.27
CA SER A 530 5.69 -12.35 3.28
C SER A 530 6.91 -12.55 4.17
N GLU A 531 6.75 -12.22 5.46
CA GLU A 531 7.89 -12.47 6.39
C GLU A 531 8.28 -13.96 6.42
N GLU A 532 7.30 -14.86 6.46
CA GLU A 532 7.60 -16.29 6.47
C GLU A 532 8.22 -16.78 5.14
N MET A 533 7.78 -16.19 4.02
CA MET A 533 8.25 -16.66 2.72
C MET A 533 9.62 -16.16 2.36
N THR A 534 9.90 -14.93 2.75
CA THR A 534 11.19 -14.35 2.37
C THR A 534 12.30 -14.72 3.33
N LYS A 535 11.97 -14.99 4.59
CA LYS A 535 12.98 -15.26 5.63
C LYS A 535 14.12 -14.23 5.69
N THR A 536 13.76 -12.98 5.46
CA THR A 536 14.73 -11.92 5.55
C THR A 536 14.18 -10.81 6.46
N VAL A 537 15.07 -10.28 7.33
CA VAL A 537 14.61 -9.24 8.24
C VAL A 537 14.22 -7.96 7.50
N THR A 538 14.74 -7.77 6.29
CA THR A 538 14.37 -6.56 5.57
C THR A 538 12.87 -6.49 5.17
N THR A 539 12.15 -7.62 5.17
CA THR A 539 10.72 -7.54 4.89
C THR A 539 9.97 -6.67 5.93
N ARG A 540 10.14 -7.01 7.20
CA ARG A 540 9.50 -6.19 8.28
C ARG A 540 10.11 -4.80 8.26
N LEU A 541 11.43 -4.65 8.06
CA LEU A 541 11.97 -3.28 8.04
C LEU A 541 11.40 -2.44 6.90
N SER A 542 11.14 -3.05 5.74
CA SER A 542 10.60 -2.26 4.64
C SER A 542 9.19 -1.73 4.93
N HIS A 543 8.40 -2.53 5.68
CA HIS A 543 7.06 -2.10 6.09
CA HIS A 543 7.05 -2.05 6.01
C HIS A 543 7.14 -0.92 7.04
N VAL A 544 8.06 -1.05 7.99
CA VAL A 544 8.22 0.02 8.98
C VAL A 544 8.71 1.31 8.28
N ASP A 545 9.64 1.14 7.34
CA ASP A 545 10.28 2.28 6.63
C ASP A 545 9.17 3.03 5.88
N LEU A 546 8.23 2.30 5.27
CA LEU A 546 7.14 2.95 4.56
C LEU A 546 6.17 3.62 5.53
N LEU A 547 5.79 2.92 6.61
CA LEU A 547 4.88 3.50 7.60
C LEU A 547 5.44 4.81 8.14
N ARG A 548 6.71 4.81 8.60
CA ARG A 548 7.18 5.98 9.31
C ARG A 548 7.54 7.11 8.39
N SER A 549 7.53 6.87 7.09
CA SER A 549 7.70 8.02 6.20
C SER A 549 6.32 8.45 5.68
N VAL A 550 5.75 7.63 4.81
CA VAL A 550 4.50 8.00 4.12
C VAL A 550 3.31 8.10 5.08
N GLN A 551 3.17 7.12 5.98
CA GLN A 551 1.96 7.15 6.78
C GLN A 551 2.09 8.21 7.92
N PHE A 552 3.30 8.35 8.50
CA PHE A 552 3.45 9.36 9.55
C PHE A 552 3.29 10.74 8.95
N LEU A 553 3.77 10.94 7.72
CA LEU A 553 3.50 12.26 7.08
C LEU A 553 1.97 12.51 6.92
N GLU A 554 1.25 11.50 6.44
CA GLU A 554 -0.20 11.68 6.33
C GLU A 554 -0.81 12.04 7.69
N ASP A 555 -0.35 11.34 8.75
CA ASP A 555 -1.01 11.52 10.03
C ASP A 555 -0.63 12.86 10.68
N SER A 556 0.40 13.55 10.21
CA SER A 556 0.65 14.88 10.76
C SER A 556 0.23 15.98 9.77
N SER A 557 -0.41 15.60 8.66
CA SER A 557 -0.89 16.54 7.63
C SER A 557 -2.31 16.93 7.89
N PRO A 558 -2.83 17.91 7.12
CA PRO A 558 -4.25 18.27 7.29
C PRO A 558 -5.20 17.12 6.91
N LEU A 559 -4.67 16.08 6.26
CA LEU A 559 -5.48 14.95 5.86
C LEU A 559 -5.63 13.92 6.98
N SER A 560 -4.94 14.13 8.10
CA SER A 560 -4.92 13.14 9.19
C SER A 560 -6.32 12.60 9.53
N HIS A 561 -6.43 11.29 9.63
CA HIS A 561 -7.71 10.64 9.99
C HIS A 561 -7.39 9.39 10.81
N PRO A 562 -8.35 8.92 11.63
CA PRO A 562 -8.12 7.64 12.30
C PRO A 562 -8.34 6.48 11.32
N ILE A 563 -8.04 5.26 11.73
CA ILE A 563 -8.15 4.16 10.75
C ILE A 563 -9.59 3.84 10.45
N ARG A 564 -10.48 4.28 11.33
CA ARG A 564 -11.96 4.29 11.07
C ARG A 564 -12.49 5.70 11.14
N PRO A 565 -12.54 6.37 10.00
CA PRO A 565 -13.00 7.76 9.94
C PRO A 565 -14.44 7.89 10.35
N GLU A 566 -14.78 9.12 10.73
CA GLU A 566 -16.12 9.44 11.17
C GLU A 566 -17.04 9.88 10.02
N SER A 567 -16.43 10.26 8.91
CA SER A 567 -17.19 10.77 7.76
C SER A 567 -16.41 10.60 6.46
N TYR A 568 -17.13 10.60 5.34
CA TYR A 568 -16.45 10.75 4.03
C TYR A 568 -17.37 11.42 3.06
N VAL A 569 -16.74 11.97 2.01
CA VAL A 569 -17.46 12.45 0.82
C VAL A 569 -17.13 11.54 -0.37
N SER A 570 -15.83 11.29 -0.61
CA SER A 570 -15.41 10.45 -1.72
C SER A 570 -14.94 9.10 -1.18
N MET A 571 -15.55 7.98 -1.57
CA MET A 571 -14.95 6.66 -1.22
C MET A 571 -13.65 6.46 -1.94
N GLU A 572 -13.55 7.01 -3.14
CA GLU A 572 -12.34 6.80 -3.91
C GLU A 572 -11.11 7.41 -3.16
N ASN A 573 -11.31 8.34 -2.19
CA ASN A 573 -10.21 9.00 -1.46
C ASN A 573 -9.93 8.36 -0.10
N PHE A 574 -10.69 7.33 0.19
CA PHE A 574 -10.71 6.68 1.50
C PHE A 574 -9.64 5.57 1.65
N TYR A 575 -9.06 5.13 0.54
CA TYR A 575 -8.17 4.00 0.50
C TYR A 575 -6.72 4.47 0.75
N THR A 576 -6.43 4.74 2.03
CA THR A 576 -5.19 5.47 2.36
C THR A 576 -4.18 4.61 3.07
N THR A 577 -2.94 5.12 3.09
CA THR A 577 -1.96 4.41 3.89
C THR A 577 -2.33 4.39 5.39
N THR A 578 -3.07 5.37 5.88
CA THR A 578 -3.54 5.21 7.25
C THR A 578 -4.43 3.97 7.39
N VAL A 579 -5.50 3.90 6.59
CA VAL A 579 -6.41 2.77 6.72
C VAL A 579 -5.72 1.42 6.51
N TYR A 580 -4.82 1.38 5.56
CA TYR A 580 -4.13 0.14 5.22
C TYR A 580 -2.96 -0.21 6.15
N ASP A 581 -2.03 0.72 6.24
CA ASP A 581 -0.75 0.41 6.90
C ASP A 581 -0.74 0.72 8.38
N LYS A 582 -1.34 1.86 8.79
CA LYS A 582 -1.52 1.96 10.24
C LYS A 582 -2.57 0.91 10.68
N GLY A 583 -3.64 0.70 9.88
CA GLY A 583 -4.53 -0.41 10.21
C GLY A 583 -3.81 -1.75 10.38
N SER A 584 -2.87 -2.09 9.50
CA SER A 584 -2.09 -3.33 9.67
CA SER A 584 -2.12 -3.33 9.66
C SER A 584 -1.34 -3.36 10.99
N GLU A 585 -0.77 -2.19 11.41
CA GLU A 585 0.00 -2.20 12.67
C GLU A 585 -0.94 -2.34 13.85
N VAL A 586 -2.16 -1.77 13.75
CA VAL A 586 -3.15 -2.00 14.82
C VAL A 586 -3.56 -3.45 14.85
N MET A 587 -3.71 -4.06 13.68
CA MET A 587 -4.09 -5.47 13.71
C MET A 587 -2.90 -6.35 14.20
N ARG A 588 -1.67 -5.97 13.85
CA ARG A 588 -0.50 -6.66 14.35
C ARG A 588 -0.27 -6.54 15.89
N MET A 589 -0.65 -5.39 16.49
CA MET A 589 -0.50 -5.23 17.95
C MET A 589 -1.32 -6.27 18.68
N TYR A 590 -2.48 -6.72 18.15
CA TYR A 590 -3.16 -7.82 18.85
C TYR A 590 -2.31 -9.07 18.97
N LEU A 591 -1.58 -9.40 17.92
CA LEU A 591 -0.68 -10.57 17.96
C LEU A 591 0.48 -10.36 18.98
N THR A 592 1.05 -9.17 18.97
CA THR A 592 2.06 -8.82 19.98
C THR A 592 1.53 -8.97 21.41
N ILE A 593 0.33 -8.49 21.67
CA ILE A 593 -0.27 -8.47 23.00
C ILE A 593 -0.64 -9.89 23.43
N LEU A 594 -1.25 -10.67 22.54
CA LEU A 594 -1.74 -12.00 22.87
C LEU A 594 -0.68 -13.10 22.76
N GLY A 595 0.33 -12.89 21.92
CA GLY A 595 1.17 -14.04 21.57
C GLY A 595 0.52 -14.95 20.56
N GLU A 596 1.32 -15.75 19.86
CA GLU A 596 0.81 -16.48 18.68
C GLU A 596 -0.32 -17.43 19.02
N GLU A 597 -0.18 -18.17 20.14
CA GLU A 597 -1.18 -19.18 20.44
C GLU A 597 -2.58 -18.56 20.70
N TYR A 598 -2.63 -17.54 21.56
CA TYR A 598 -3.90 -16.90 21.89
C TYR A 598 -4.35 -15.98 20.74
N TYR A 599 -3.41 -15.44 19.94
CA TYR A 599 -3.81 -14.67 18.75
C TYR A 599 -4.58 -15.62 17.82
N LYS A 600 -4.03 -16.82 17.58
CA LYS A 600 -4.69 -17.74 16.66
C LYS A 600 -6.03 -18.16 17.21
N LYS A 601 -6.12 -18.31 18.52
CA LYS A 601 -7.40 -18.66 19.11
C LYS A 601 -8.44 -17.53 18.89
N GLY A 602 -8.01 -16.29 19.15
CA GLY A 602 -8.89 -15.14 18.96
C GLY A 602 -9.32 -14.96 17.50
N PHE A 603 -8.37 -15.14 16.59
CA PHE A 603 -8.68 -15.01 15.16
C PHE A 603 -9.72 -16.08 14.69
N ASP A 604 -9.56 -17.30 15.17
CA ASP A 604 -10.51 -18.32 14.79
C ASP A 604 -11.89 -18.00 15.37
N ILE A 605 -11.95 -17.41 16.56
CA ILE A 605 -13.27 -17.00 17.13
C ILE A 605 -13.92 -15.99 16.17
N TYR A 606 -13.09 -15.04 15.72
CA TYR A 606 -13.60 -14.05 14.77
C TYR A 606 -14.20 -14.73 13.54
N ILE A 607 -13.43 -15.65 12.96
CA ILE A 607 -13.84 -16.24 11.69
C ILE A 607 -15.11 -17.09 11.89
N LYS A 608 -15.09 -17.89 12.94
CA LYS A 608 -16.20 -18.83 13.12
C LYS A 608 -17.47 -18.08 13.44
N LYS A 609 -17.37 -17.03 14.22
CA LYS A 609 -18.55 -16.28 14.63
C LYS A 609 -19.14 -15.47 13.48
N ASN A 610 -18.30 -14.98 12.54
CA ASN A 610 -18.78 -14.03 11.57
C ASN A 610 -18.79 -14.51 10.10
N ASP A 611 -18.36 -15.73 9.89
CA ASP A 611 -18.32 -16.30 8.56
C ASP A 611 -19.70 -16.22 7.89
N GLY A 612 -19.71 -15.73 6.66
CA GLY A 612 -20.95 -15.64 5.87
C GLY A 612 -21.75 -14.36 6.12
N ASN A 613 -21.22 -13.46 6.96
CA ASN A 613 -21.94 -12.28 7.43
C ASN A 613 -21.13 -10.99 7.23
N THR A 614 -21.80 -9.83 7.31
CA THR A 614 -21.10 -8.54 7.50
C THR A 614 -20.58 -8.45 8.94
N ALA A 615 -19.59 -7.58 9.15
CA ALA A 615 -19.03 -7.37 10.45
C ALA A 615 -18.49 -5.92 10.58
N THR A 616 -18.14 -5.59 11.82
CA THR A 616 -17.65 -4.26 12.17
C THR A 616 -16.34 -4.39 12.93
N CYS A 617 -15.66 -3.25 13.15
CA CYS A 617 -14.38 -3.33 13.89
C CYS A 617 -14.61 -3.85 15.29
N GLU A 618 -15.75 -3.54 15.90
CA GLU A 618 -16.06 -4.04 17.24
C GLU A 618 -16.12 -5.56 17.27
N ASP A 619 -16.60 -6.20 16.20
CA ASP A 619 -16.65 -7.68 16.16
C ASP A 619 -15.24 -8.25 16.25
N PHE A 620 -14.28 -7.62 15.60
CA PHE A 620 -12.91 -8.13 15.72
C PHE A 620 -12.35 -7.89 17.10
N ASN A 621 -12.53 -6.68 17.63
CA ASN A 621 -12.05 -6.43 18.98
C ASN A 621 -12.66 -7.36 20.01
N TYR A 622 -13.95 -7.68 19.83
CA TYR A 622 -14.68 -8.61 20.72
C TYR A 622 -13.97 -9.98 20.72
N ALA A 623 -13.66 -10.48 19.53
CA ALA A 623 -12.94 -11.79 19.38
C ALA A 623 -11.58 -11.75 20.06
N MET A 624 -10.85 -10.68 19.86
CA MET A 624 -9.53 -10.53 20.49
C MET A 624 -9.68 -10.45 22.00
N GLU A 625 -10.72 -9.75 22.44
CA GLU A 625 -10.96 -9.65 23.88
C GLU A 625 -11.25 -11.01 24.50
N GLN A 626 -11.96 -11.89 23.80
CA GLN A 626 -12.19 -13.20 24.39
C GLN A 626 -10.87 -13.92 24.60
N ALA A 627 -9.96 -13.82 23.64
CA ALA A 627 -8.66 -14.44 23.80
C ALA A 627 -7.86 -13.75 24.92
N TYR A 628 -7.99 -12.44 25.07
CA TYR A 628 -7.24 -11.73 26.12
C TYR A 628 -7.67 -12.22 27.51
N LYS A 629 -8.98 -12.39 27.71
CA LYS A 629 -9.49 -12.92 28.99
C LYS A 629 -8.87 -14.29 29.27
N MET A 630 -8.73 -15.11 28.23
CA MET A 630 -8.14 -16.45 28.35
C MET A 630 -6.67 -16.38 28.72
N LYS A 631 -5.92 -15.56 27.98
CA LYS A 631 -4.50 -15.35 28.31
C LYS A 631 -4.31 -14.78 29.73
N LYS A 632 -5.17 -13.85 30.13
CA LYS A 632 -5.01 -13.22 31.43
C LYS A 632 -5.60 -14.07 32.57
N ALA A 633 -6.25 -15.18 32.21
CA ALA A 633 -7.03 -15.93 33.19
C ALA A 633 -7.87 -15.01 34.04
N ASP A 634 -8.64 -14.14 33.40
CA ASP A 634 -9.38 -13.14 34.11
C ASP A 634 -10.56 -12.73 33.26
N ASN A 635 -11.76 -13.17 33.64
CA ASN A 635 -12.94 -12.88 32.83
C ASN A 635 -13.35 -11.41 32.92
N SER A 636 -12.66 -10.64 33.75
CA SER A 636 -12.90 -9.20 33.88
C SER A 636 -11.93 -8.36 33.03
N ALA A 637 -10.88 -8.98 32.49
CA ALA A 637 -9.98 -8.25 31.59
C ALA A 637 -10.80 -7.79 30.38
N ASN A 638 -10.45 -6.62 29.82
CA ASN A 638 -11.13 -6.18 28.63
C ASN A 638 -10.20 -5.36 27.76
N LEU A 639 -10.63 -5.17 26.53
CA LEU A 639 -9.90 -4.39 25.56
C LEU A 639 -10.70 -3.15 25.13
N ASN A 640 -11.50 -2.60 26.03
CA ASN A 640 -12.27 -1.41 25.70
CA ASN A 640 -12.26 -1.42 25.69
C ASN A 640 -11.35 -0.27 25.29
N GLN A 641 -10.25 -0.10 26.03
CA GLN A 641 -9.30 0.99 25.71
C GLN A 641 -8.71 0.80 24.29
N TYR A 642 -8.57 -0.44 23.88
CA TYR A 642 -7.95 -0.75 22.59
C TYR A 642 -8.73 -0.13 21.44
N LEU A 643 -10.04 0.08 21.63
CA LEU A 643 -10.89 0.66 20.58
C LEU A 643 -10.48 2.05 20.20
N LEU A 644 -9.72 2.75 21.05
CA LEU A 644 -9.23 4.06 20.68
C LEU A 644 -8.26 4.05 19.51
N TRP A 645 -7.59 2.92 19.26
CA TRP A 645 -6.77 2.84 18.07
C TRP A 645 -7.56 2.99 16.79
N PHE A 646 -8.87 2.73 16.85
CA PHE A 646 -9.71 2.85 15.64
C PHE A 646 -10.24 4.23 15.48
N SER A 647 -10.40 4.96 16.59
CA SER A 647 -11.06 6.27 16.54
C SER A 647 -10.14 7.48 16.67
N GLN A 648 -8.96 7.27 17.26
CA GLN A 648 -8.08 8.43 17.51
C GLN A 648 -7.04 8.60 16.39
N SER A 649 -6.98 9.79 15.82
CA SER A 649 -6.00 10.04 14.78
C SER A 649 -4.70 10.53 15.37
N GLY A 650 -3.67 10.61 14.54
CA GLY A 650 -2.38 11.16 15.01
C GLY A 650 -1.48 10.02 15.45
N THR A 651 -0.18 10.25 15.40
CA THR A 651 0.85 9.30 15.81
C THR A 651 1.24 9.57 17.28
N PRO A 652 1.10 8.59 18.19
CA PRO A 652 1.58 8.84 19.54
C PRO A 652 3.10 9.01 19.56
N HIS A 653 3.55 9.80 20.52
CA HIS A 653 4.97 9.92 20.84
C HIS A 653 5.23 9.22 22.16
N VAL A 654 6.20 8.31 22.16
CA VAL A 654 6.53 7.57 23.40
C VAL A 654 7.98 7.92 23.76
N SER A 655 8.16 8.38 24.99
CA SER A 655 9.49 8.78 25.47
C SER A 655 9.85 8.08 26.77
N PHE A 656 11.17 8.07 27.07
CA PHE A 656 11.68 7.24 28.17
C PHE A 656 12.64 7.97 29.06
N LYS A 657 12.69 7.54 30.33
CA LYS A 657 13.75 7.91 31.25
C LYS A 657 14.15 6.64 32.00
N TYR A 658 15.42 6.56 32.39
CA TYR A 658 15.95 5.32 33.01
C TYR A 658 16.60 5.61 34.31
N ASN A 659 16.60 4.57 35.15
CA ASN A 659 17.24 4.67 36.45
C ASN A 659 17.78 3.29 36.81
N TYR A 660 19.03 3.27 37.28
CA TYR A 660 19.64 2.04 37.75
C TYR A 660 20.27 2.22 39.12
N ASP A 661 19.90 1.34 40.02
CA ASP A 661 20.53 1.32 41.36
C ASP A 661 21.37 0.07 41.51
N ALA A 662 22.69 0.30 41.55
CA ALA A 662 23.69 -0.73 41.40
C ALA A 662 23.75 -1.60 42.63
N GLU A 663 23.42 -1.03 43.77
CA GLU A 663 23.39 -1.74 45.04
C GLU A 663 22.13 -2.60 45.12
N LYS A 664 21.00 -2.08 44.67
CA LYS A 664 19.77 -2.85 44.69
C LYS A 664 19.65 -3.81 43.51
N LYS A 665 20.54 -3.67 42.54
CA LYS A 665 20.41 -4.40 41.25
C LYS A 665 19.00 -4.20 40.65
N GLN A 666 18.53 -2.95 40.66
CA GLN A 666 17.15 -2.63 40.29
C GLN A 666 17.16 -1.56 39.18
N TYR A 667 16.43 -1.86 38.12
CA TYR A 667 16.40 -1.03 36.93
C TYR A 667 14.99 -0.58 36.67
N SER A 668 14.78 0.67 36.23
CA SER A 668 13.45 1.14 35.94
CA SER A 668 13.44 1.07 35.89
C SER A 668 13.43 1.84 34.57
N ILE A 669 12.36 1.61 33.84
CA ILE A 669 12.07 2.29 32.62
C ILE A 669 10.82 3.14 32.87
N HIS A 670 10.97 4.49 32.85
CA HIS A 670 9.78 5.36 33.02
C HIS A 670 9.35 5.78 31.62
N VAL A 671 8.08 5.54 31.30
CA VAL A 671 7.59 5.72 29.92
C VAL A 671 6.45 6.71 29.90
N ASN A 672 6.48 7.59 28.93
CA ASN A 672 5.37 8.54 28.73
C ASN A 672 4.83 8.46 27.31
N GLN A 673 3.50 8.63 27.11
CA GLN A 673 2.92 8.74 25.79
C GLN A 673 2.13 10.07 25.68
N TYR A 674 2.16 10.58 24.44
CA TYR A 674 1.49 11.83 24.12
C TYR A 674 1.07 11.77 22.68
N THR A 675 -0.17 12.12 22.37
CA THR A 675 -0.52 12.36 20.97
C THR A 675 -0.88 13.84 20.87
N LYS A 676 -0.36 14.49 19.81
CA LYS A 676 -0.67 15.93 19.64
CA LYS A 676 -0.65 15.91 19.62
C LYS A 676 -2.13 16.14 19.26
N PRO A 677 -2.79 17.13 19.89
CA PRO A 677 -4.18 17.44 19.48
C PRO A 677 -4.23 17.82 17.98
N ASP A 678 -5.36 17.55 17.33
CA ASP A 678 -5.47 17.86 15.89
C ASP A 678 -6.92 18.18 15.58
N GLU A 679 -7.30 18.17 14.29
CA GLU A 679 -8.69 18.61 14.00
C GLU A 679 -9.74 17.52 14.34
N ASN A 680 -9.34 16.26 14.58
CA ASN A 680 -10.28 15.20 14.94
C ASN A 680 -10.57 15.06 16.45
N GLN A 681 -9.56 15.27 17.29
CA GLN A 681 -9.73 15.31 18.76
C GLN A 681 -8.91 16.46 19.36
N LYS A 682 -9.61 17.38 20.00
CA LYS A 682 -8.98 18.38 20.86
C LYS A 682 -8.24 17.79 22.05
N GLU A 683 -8.83 16.74 22.64
CA GLU A 683 -8.22 16.08 23.77
C GLU A 683 -7.90 14.66 23.34
N LYS A 684 -6.65 14.27 23.43
CA LYS A 684 -6.27 12.91 23.06
C LYS A 684 -6.20 12.08 24.32
N LYS A 685 -6.55 10.81 24.22
CA LYS A 685 -6.52 9.91 25.36
C LYS A 685 -5.34 8.97 25.24
N PRO A 686 -4.85 8.48 26.39
CA PRO A 686 -3.80 7.46 26.30
C PRO A 686 -4.29 6.16 25.66
N LEU A 687 -3.40 5.51 24.90
CA LEU A 687 -3.72 4.31 24.14
C LEU A 687 -3.15 3.14 24.90
N PHE A 688 -3.63 1.94 24.55
CA PHE A 688 -3.04 0.69 25.00
C PHE A 688 -1.83 0.43 24.09
N ILE A 689 -0.63 0.69 24.62
CA ILE A 689 0.59 0.58 23.78
C ILE A 689 1.46 -0.56 24.27
N PRO A 690 1.58 -1.63 23.45
CA PRO A 690 2.50 -2.73 23.84
C PRO A 690 3.93 -2.44 23.44
N ILE A 691 4.83 -2.55 24.43
CA ILE A 691 6.23 -2.20 24.21
C ILE A 691 7.06 -3.44 24.38
N SER A 692 7.40 -4.08 23.27
CA SER A 692 8.27 -5.23 23.34
CA SER A 692 8.28 -5.24 23.28
C SER A 692 9.69 -4.81 23.68
N VAL A 693 10.24 -5.37 24.75
CA VAL A 693 11.55 -4.90 25.21
CA VAL A 693 11.52 -4.88 25.29
C VAL A 693 12.52 -6.02 25.53
N GLY A 694 13.80 -5.69 25.38
CA GLY A 694 14.88 -6.53 25.89
C GLY A 694 15.79 -5.62 26.68
N LEU A 695 16.66 -6.25 27.45
CA LEU A 695 17.71 -5.50 28.20
C LEU A 695 19.01 -6.13 27.81
N ILE A 696 19.88 -5.32 27.19
CA ILE A 696 21.17 -5.84 26.74
C ILE A 696 22.26 -5.51 27.75
N ASN A 697 23.05 -6.55 28.11
CA ASN A 697 24.24 -6.36 28.93
C ASN A 697 25.35 -5.77 28.06
N PRO A 698 25.77 -4.53 28.38
CA PRO A 698 26.72 -3.89 27.46
C PRO A 698 28.11 -4.52 27.51
N GLU A 699 28.43 -5.31 28.50
CA GLU A 699 29.78 -5.92 28.52
C GLU A 699 29.89 -7.13 27.58
N ASN A 700 28.82 -7.90 27.41
CA ASN A 700 28.90 -9.09 26.59
C ASN A 700 27.83 -9.17 25.54
N GLY A 701 26.90 -8.18 25.47
CA GLY A 701 25.91 -8.16 24.45
C GLY A 701 24.77 -9.12 24.65
N LYS A 702 24.71 -9.77 25.80
CA LYS A 702 23.67 -10.83 25.96
C LYS A 702 22.36 -10.28 26.51
N GLU A 703 21.29 -11.05 26.33
CA GLU A 703 19.97 -10.75 26.89
C GLU A 703 19.97 -10.88 28.40
N MET A 704 19.38 -9.91 29.09
CA MET A 704 19.36 -9.97 30.54
C MET A 704 18.01 -10.40 31.11
N ILE A 705 16.97 -10.37 30.29
CA ILE A 705 15.64 -10.81 30.70
C ILE A 705 15.00 -11.61 29.58
N SER A 706 14.00 -12.42 29.94
CA SER A 706 13.21 -13.11 28.90
C SER A 706 12.34 -12.15 28.14
N GLN A 707 11.74 -12.68 27.09
CA GLN A 707 10.80 -11.92 26.24
C GLN A 707 9.75 -11.24 27.08
N THR A 708 9.62 -9.91 26.89
CA THR A 708 8.75 -9.11 27.76
C THR A 708 8.05 -8.05 26.96
N THR A 709 6.73 -7.97 27.10
CA THR A 709 5.95 -6.94 26.42
C THR A 709 5.31 -6.11 27.50
N LEU A 710 5.80 -4.88 27.68
CA LEU A 710 5.21 -3.95 28.63
C LEU A 710 3.89 -3.45 28.14
N GLU A 711 2.86 -3.42 28.99
CA GLU A 711 1.56 -2.92 28.50
C GLU A 711 1.37 -1.53 29.05
N LEU A 712 1.65 -0.51 28.25
CA LEU A 712 1.45 0.84 28.75
C LEU A 712 0.00 1.22 28.49
N THR A 713 -0.77 1.48 29.53
CA THR A 713 -2.15 1.86 29.34
C THR A 713 -2.46 3.22 29.90
N LYS A 714 -1.49 3.88 30.51
CA LYS A 714 -1.69 5.19 31.11
C LYS A 714 -0.88 6.23 30.37
N GLU A 715 -1.10 7.48 30.71
CA GLU A 715 -0.29 8.51 30.04
C GLU A 715 1.18 8.28 30.41
N SER A 716 1.43 7.77 31.61
CA SER A 716 2.79 7.41 31.93
C SER A 716 2.82 6.27 32.95
N ASP A 717 3.93 5.53 32.93
CA ASP A 717 4.06 4.47 33.92
C ASP A 717 5.54 4.17 34.15
N THR A 718 5.87 3.54 35.27
CA THR A 718 7.25 3.17 35.53
C THR A 718 7.29 1.63 35.69
N PHE A 719 8.09 0.98 34.86
CA PHE A 719 8.32 -0.47 34.90
C PHE A 719 9.65 -0.79 35.55
N VAL A 720 9.61 -1.55 36.65
CA VAL A 720 10.81 -1.86 37.41
C VAL A 720 11.18 -3.34 37.24
N PHE A 721 12.49 -3.56 37.21
CA PHE A 721 13.05 -4.92 37.08
C PHE A 721 14.05 -5.17 38.15
N ASN A 722 13.84 -6.25 38.88
CA ASN A 722 14.81 -6.61 39.91
C ASN A 722 15.86 -7.59 39.39
N ASN A 723 16.94 -7.73 40.15
CA ASN A 723 17.97 -8.70 39.85
C ASN A 723 18.55 -8.45 38.49
N ILE A 724 18.94 -7.21 38.27
CA ILE A 724 19.55 -6.73 37.05
C ILE A 724 20.97 -6.38 37.43
N ALA A 725 21.90 -7.24 37.03
CA ALA A 725 23.18 -7.30 37.70
C ALA A 725 24.09 -6.17 37.31
N VAL A 726 23.81 -5.53 36.17
CA VAL A 726 24.64 -4.47 35.70
C VAL A 726 23.66 -3.50 35.00
N LYS A 727 24.01 -2.23 34.91
CA LYS A 727 23.15 -1.29 34.18
C LYS A 727 23.01 -1.71 32.69
N PRO A 728 21.77 -1.95 32.22
CA PRO A 728 21.61 -2.46 30.87
C PRO A 728 21.54 -1.33 29.80
N ILE A 729 21.54 -1.70 28.54
CA ILE A 729 21.05 -0.78 27.51
C ILE A 729 19.74 -1.35 27.08
N PRO A 730 18.66 -0.58 27.18
CA PRO A 730 17.35 -1.10 26.82
C PRO A 730 17.16 -1.19 25.31
N SER A 731 16.55 -2.28 24.91
CA SER A 731 16.21 -2.51 23.50
C SER A 731 14.69 -2.35 23.38
N LEU A 732 14.24 -1.19 22.89
CA LEU A 732 12.84 -0.77 22.99
C LEU A 732 12.03 -0.86 21.72
N PHE A 733 10.77 -1.33 21.86
CA PHE A 733 9.84 -1.53 20.76
C PHE A 733 10.40 -2.53 19.74
N ARG A 734 10.88 -3.67 20.24
CA ARG A 734 11.42 -4.72 19.35
C ARG A 734 10.36 -5.07 18.30
N GLY A 735 10.82 -5.24 17.06
CA GLY A 735 9.95 -5.57 15.94
C GLY A 735 9.05 -4.41 15.57
N PHE A 736 9.35 -3.20 16.06
CA PHE A 736 8.48 -1.99 15.95
C PHE A 736 7.08 -2.33 16.49
N SER A 737 7.00 -2.50 17.82
CA SER A 737 5.82 -3.15 18.39
C SER A 737 4.60 -2.25 18.52
N ALA A 738 4.71 -0.95 18.23
CA ALA A 738 3.53 -0.08 18.17
C ALA A 738 3.82 1.02 17.19
N PRO A 739 2.78 1.57 16.52
CA PRO A 739 3.03 2.59 15.48
C PRO A 739 3.15 3.98 16.08
N VAL A 740 4.36 4.26 16.58
CA VAL A 740 4.58 5.46 17.40
C VAL A 740 5.89 6.11 17.03
N TYR A 741 6.03 7.38 17.40
CA TYR A 741 7.36 8.02 17.42
C TYR A 741 8.10 7.58 18.68
N ILE A 742 9.24 6.92 18.51
CA ILE A 742 10.03 6.47 19.64
C ILE A 742 11.13 7.50 19.98
N GLU A 743 11.16 8.00 21.20
CA GLU A 743 12.22 8.89 21.68
C GLU A 743 12.99 8.08 22.71
N ASP A 744 14.09 7.43 22.26
CA ASP A 744 14.77 6.43 23.14
C ASP A 744 15.65 7.02 24.23
N GLN A 745 15.96 8.33 24.14
CA GLN A 745 16.76 8.99 25.14
C GLN A 745 18.05 8.23 25.43
N LEU A 746 18.61 7.62 24.41
CA LEU A 746 19.90 6.95 24.52
C LEU A 746 21.01 7.83 23.93
N THR A 747 22.21 7.68 24.46
CA THR A 747 23.37 8.30 23.82
C THR A 747 23.74 7.61 22.54
N ASP A 748 24.55 8.29 21.72
CA ASP A 748 24.98 7.64 20.49
C ASP A 748 25.87 6.44 20.79
N GLU A 749 26.63 6.47 21.89
CA GLU A 749 27.42 5.33 22.33
C GLU A 749 26.51 4.12 22.58
N GLU A 750 25.42 4.37 23.33
CA GLU A 750 24.47 3.29 23.59
C GLU A 750 23.83 2.78 22.30
N ARG A 751 23.45 3.71 21.39
CA ARG A 751 22.82 3.28 20.15
C ARG A 751 23.77 2.49 19.29
N ILE A 752 25.06 2.88 19.32
CA ILE A 752 26.09 2.13 18.59
C ILE A 752 26.20 0.68 19.12
N LEU A 753 26.16 0.53 20.44
CA LEU A 753 26.26 -0.77 21.06
C LEU A 753 25.07 -1.61 20.59
N LEU A 754 23.90 -1.01 20.56
CA LEU A 754 22.72 -1.79 20.12
C LEU A 754 22.84 -2.14 18.65
N LEU A 755 23.25 -1.16 17.85
CA LEU A 755 23.43 -1.39 16.41
C LEU A 755 24.38 -2.58 16.16
N LYS A 756 25.44 -2.69 16.96
CA LYS A 756 26.40 -3.80 16.77
C LYS A 756 25.89 -5.12 17.36
N TYR A 757 25.24 -5.07 18.53
CA TYR A 757 25.11 -6.30 19.33
C TYR A 757 23.71 -6.70 19.75
N ASP A 758 22.71 -5.84 19.54
CA ASP A 758 21.34 -6.23 19.90
C ASP A 758 20.88 -7.42 19.02
N SER A 759 19.88 -8.14 19.52
CA SER A 759 19.30 -9.29 18.81
C SER A 759 18.17 -8.89 17.86
N ASP A 760 17.58 -7.72 18.03
CA ASP A 760 16.39 -7.36 17.26
C ASP A 760 16.71 -6.48 16.06
N ALA A 761 16.37 -6.94 14.86
CA ALA A 761 16.72 -6.17 13.66
C ALA A 761 16.13 -4.78 13.68
N PHE A 762 14.87 -4.64 14.06
CA PHE A 762 14.31 -3.32 14.07
C PHE A 762 15.06 -2.37 15.07
N VAL A 763 15.35 -2.84 16.31
CA VAL A 763 15.98 -1.88 17.20
C VAL A 763 17.38 -1.54 16.69
N ARG A 764 18.03 -2.49 16.02
CA ARG A 764 19.37 -2.14 15.47
C ARG A 764 19.21 -1.06 14.38
N TYR A 765 18.28 -1.28 13.45
CA TYR A 765 17.94 -0.33 12.35
C TYR A 765 17.49 0.99 12.94
N ASN A 766 16.69 0.96 14.00
CA ASN A 766 16.21 2.20 14.57
C ASN A 766 17.30 2.97 15.29
N SER A 767 18.21 2.23 15.93
CA SER A 767 19.26 2.92 16.64
C SER A 767 20.15 3.66 15.60
N CYS A 768 20.41 3.00 14.49
CA CYS A 768 21.10 3.63 13.36
C CYS A 768 20.34 4.85 12.86
N THR A 769 19.03 4.68 12.64
CA THR A 769 18.19 5.78 12.22
C THR A 769 18.32 7.01 13.17
N ASN A 770 18.29 6.72 14.48
CA ASN A 770 18.28 7.78 15.49
C ASN A 770 19.65 8.51 15.52
N ILE A 771 20.74 7.73 15.36
CA ILE A 771 22.08 8.39 15.20
C ILE A 771 22.08 9.33 13.96
N TYR A 772 21.56 8.84 12.83
CA TYR A 772 21.47 9.69 11.65
C TYR A 772 20.62 10.91 11.90
N MET A 773 19.44 10.73 12.52
CA MET A 773 18.59 11.88 12.75
C MET A 773 19.24 12.94 13.61
N LYS A 774 19.92 12.54 14.67
CA LYS A 774 20.58 13.54 15.53
C LYS A 774 21.60 14.34 14.71
N GLN A 775 22.33 13.61 13.86
CA GLN A 775 23.29 14.33 12.98
C GLN A 775 22.61 15.24 11.95
N ILE A 776 21.57 14.73 11.29
CA ILE A 776 20.84 15.55 10.31
C ILE A 776 20.27 16.80 10.94
N LEU A 777 19.65 16.67 12.11
CA LEU A 777 19.07 17.88 12.70
C LEU A 777 20.16 18.89 13.08
N MET A 778 21.30 18.40 13.55
CA MET A 778 22.37 19.28 13.97
CA MET A 778 22.37 19.27 13.98
C MET A 778 22.95 20.01 12.77
N ASN A 779 23.28 19.24 11.73
CA ASN A 779 23.90 19.90 10.56
C ASN A 779 22.87 20.77 9.82
N TYR A 780 21.62 20.31 9.74
CA TYR A 780 20.57 21.12 9.15
C TYR A 780 20.55 22.51 9.82
N ASN A 781 20.55 22.55 11.14
CA ASN A 781 20.53 23.82 11.87
CA ASN A 781 20.53 23.82 11.83
C ASN A 781 21.75 24.67 11.58
N GLU A 782 22.91 24.03 11.47
CA GLU A 782 24.16 24.77 11.22
C GLU A 782 24.11 25.40 9.82
N PHE A 783 23.68 24.63 8.82
CA PHE A 783 23.55 25.14 7.43
C PHE A 783 22.50 26.26 7.38
N LEU A 784 21.39 26.02 8.07
CA LEU A 784 20.30 27.00 8.10
C LEU A 784 20.78 28.33 8.68
N LYS A 785 21.49 28.28 9.81
CA LYS A 785 22.00 29.51 10.39
C LYS A 785 22.97 30.22 9.47
N ALA A 786 23.82 29.44 8.78
CA ALA A 786 24.81 30.04 7.89
C ALA A 786 24.12 30.79 6.73
N LYS A 787 23.05 30.19 6.23
CA LYS A 787 22.22 30.75 5.18
C LYS A 787 21.50 32.01 5.66
N ASN A 788 20.79 31.89 6.77
CA ASN A 788 20.05 33.04 7.33
C ASN A 788 20.92 34.20 7.71
N GLU A 789 22.07 33.91 8.30
CA GLU A 789 22.93 34.95 8.74
C GLU A 789 23.96 35.40 7.68
N LYS A 790 23.87 34.83 6.50
CA LYS A 790 24.76 35.17 5.39
C LYS A 790 26.23 35.07 5.81
N LEU A 791 26.58 33.94 6.45
CA LEU A 791 27.90 33.84 7.06
C LEU A 791 28.93 33.59 5.97
N GLU A 792 30.11 34.18 6.15
CA GLU A 792 31.18 33.96 5.20
C GLU A 792 31.96 32.69 5.55
N SER A 793 31.87 32.27 6.82
CA SER A 793 32.49 31.02 7.27
C SER A 793 31.73 30.52 8.48
N PHE A 794 31.81 29.22 8.71
CA PHE A 794 31.08 28.61 9.80
C PHE A 794 31.57 27.18 9.93
N GLN A 795 31.17 26.53 11.02
CA GLN A 795 31.58 25.15 11.27
C GLN A 795 30.40 24.18 11.19
N LEU A 796 30.71 22.98 10.73
CA LEU A 796 29.75 21.88 10.74
C LEU A 796 30.23 20.81 11.72
N THR A 797 29.30 20.26 12.51
CA THR A 797 29.65 19.14 13.42
C THR A 797 29.91 17.86 12.60
N PRO A 798 31.08 17.25 12.71
CA PRO A 798 31.32 16.02 11.91
C PRO A 798 30.47 14.84 12.36
N VAL A 799 30.38 13.87 11.44
CA VAL A 799 29.70 12.60 11.76
C VAL A 799 30.52 11.90 12.85
N ASN A 800 29.82 11.31 13.82
CA ASN A 800 30.47 10.55 14.92
C ASN A 800 31.39 9.47 14.37
N ALA A 801 32.67 9.48 14.75
CA ALA A 801 33.64 8.56 14.12
C ALA A 801 33.41 7.15 14.58
N GLN A 802 32.92 6.99 15.82
CA GLN A 802 32.62 5.62 16.31
C GLN A 802 31.43 5.02 15.59
N PHE A 803 30.49 5.86 15.20
CA PHE A 803 29.36 5.40 14.35
C PHE A 803 29.88 4.91 12.99
N ILE A 804 30.79 5.68 12.38
CA ILE A 804 31.36 5.27 11.08
C ILE A 804 32.11 3.95 11.26
N ASP A 805 32.84 3.82 12.37
CA ASP A 805 33.57 2.56 12.62
C ASP A 805 32.59 1.40 12.78
N ALA A 806 31.44 1.68 13.39
CA ALA A 806 30.41 0.63 13.57
C ALA A 806 29.82 0.21 12.19
N ILE A 807 29.52 1.17 11.31
CA ILE A 807 29.10 0.79 9.96
C ILE A 807 30.15 -0.08 9.31
N LYS A 808 31.42 0.29 9.41
CA LYS A 808 32.48 -0.51 8.79
C LYS A 808 32.48 -1.95 9.33
N TYR A 809 32.34 -2.05 10.65
CA TYR A 809 32.36 -3.35 11.37
C TYR A 809 31.23 -4.25 10.82
N LEU A 810 30.04 -3.69 10.73
CA LEU A 810 28.93 -4.45 10.17
C LEU A 810 29.13 -4.79 8.69
N LEU A 811 29.51 -3.83 7.85
CA LEU A 811 29.74 -4.14 6.44
C LEU A 811 30.77 -5.26 6.24
N GLU A 812 31.80 -5.29 7.08
CA GLU A 812 32.88 -6.25 6.89
C GLU A 812 32.58 -7.60 7.53
N ASP A 813 31.44 -7.71 8.17
CA ASP A 813 31.07 -8.98 8.80
C ASP A 813 30.38 -9.90 7.79
N PRO A 814 31.07 -11.01 7.43
CA PRO A 814 30.54 -11.81 6.32
C PRO A 814 29.34 -12.58 6.76
N HIS A 815 29.08 -12.62 8.05
CA HIS A 815 27.92 -13.37 8.56
C HIS A 815 26.73 -12.46 8.69
N ALA A 816 26.95 -11.18 8.42
CA ALA A 816 25.89 -10.20 8.55
C ALA A 816 25.03 -10.13 7.26
N ASP A 817 23.80 -9.68 7.41
CA ASP A 817 22.79 -9.71 6.34
C ASP A 817 22.88 -8.58 5.29
N ALA A 818 22.90 -8.93 4.02
CA ALA A 818 23.14 -7.91 3.00
C ALA A 818 22.05 -6.87 2.91
N GLY A 819 20.77 -7.27 3.09
CA GLY A 819 19.70 -6.32 3.06
C GLY A 819 19.81 -5.31 4.20
N PHE A 820 20.14 -5.83 5.37
CA PHE A 820 20.30 -4.96 6.56
C PHE A 820 21.45 -3.96 6.30
N LYS A 821 22.55 -4.45 5.73
CA LYS A 821 23.68 -3.59 5.39
C LYS A 821 23.24 -2.44 4.48
N SER A 822 22.36 -2.71 3.51
CA SER A 822 21.97 -1.65 2.60
CA SER A 822 21.97 -1.64 2.59
C SER A 822 21.19 -0.56 3.34
N TYR A 823 20.50 -0.93 4.42
CA TYR A 823 19.79 0.07 5.20
C TYR A 823 20.77 0.93 6.01
N ILE A 824 21.84 0.35 6.56
CA ILE A 824 22.66 1.16 7.45
C ILE A 824 23.52 2.21 6.70
N VAL A 825 23.75 2.02 5.40
CA VAL A 825 24.56 2.98 4.63
C VAL A 825 23.63 3.98 3.96
N SER A 826 22.32 3.88 4.24
CA SER A 826 21.36 4.80 3.64
C SER A 826 20.83 5.76 4.70
N LEU A 827 20.79 7.09 4.42
CA LEU A 827 20.16 8.01 5.36
C LEU A 827 18.65 7.78 5.40
N PRO A 828 18.01 8.19 6.50
CA PRO A 828 16.55 8.02 6.52
C PRO A 828 15.89 8.77 5.39
N GLN A 829 14.77 8.22 4.92
CA GLN A 829 13.96 8.84 3.87
C GLN A 829 13.65 10.29 4.13
N ASP A 830 13.64 11.12 3.10
CA ASP A 830 13.29 12.52 3.30
C ASP A 830 11.93 12.69 3.98
N ARG A 831 10.97 11.81 3.59
CA ARG A 831 9.64 11.94 4.19
C ARG A 831 9.57 11.52 5.64
N TYR A 832 10.56 10.77 6.10
CA TYR A 832 10.69 10.52 7.51
C TYR A 832 11.30 11.75 8.20
N ILE A 833 12.36 12.27 7.61
CA ILE A 833 13.06 13.43 8.20
C ILE A 833 12.10 14.64 8.38
N ILE A 834 11.21 14.87 7.41
CA ILE A 834 10.40 16.09 7.44
C ILE A 834 9.45 16.11 8.65
N ASN A 835 9.18 14.94 9.24
CA ASN A 835 8.33 14.96 10.42
C ASN A 835 9.00 15.58 11.64
N PHE A 836 10.29 15.86 11.53
CA PHE A 836 11.08 16.34 12.66
C PHE A 836 11.50 17.79 12.48
N VAL A 837 11.15 18.41 11.37
CA VAL A 837 11.67 19.76 11.13
C VAL A 837 10.56 20.69 10.73
N SER A 838 10.44 21.85 11.40
CA SER A 838 9.42 22.80 10.96
C SER A 838 9.99 23.69 9.89
N ASN A 839 9.17 24.13 8.95
CA ASN A 839 9.56 25.07 7.91
C ASN A 839 10.79 24.56 7.18
N LEU A 840 10.73 23.31 6.80
CA LEU A 840 11.86 22.63 6.21
C LEU A 840 12.29 23.28 4.89
N ASP A 841 13.55 23.76 4.82
CA ASP A 841 14.17 24.29 3.61
C ASP A 841 14.82 23.14 2.88
N THR A 842 14.23 22.74 1.76
CA THR A 842 14.64 21.49 1.10
C THR A 842 16.06 21.61 0.55
N ASP A 843 16.51 22.82 0.23
CA ASP A 843 17.89 22.99 -0.26
C ASP A 843 18.85 22.73 0.85
N VAL A 844 18.51 23.28 2.02
CA VAL A 844 19.38 23.14 3.20
C VAL A 844 19.37 21.66 3.60
N LEU A 845 18.24 20.95 3.52
CA LEU A 845 18.26 19.50 3.80
C LEU A 845 19.12 18.77 2.75
N ALA A 846 19.00 19.15 1.46
CA ALA A 846 19.83 18.49 0.45
C ALA A 846 21.34 18.74 0.77
N ASP A 847 21.72 19.95 1.17
CA ASP A 847 23.11 20.20 1.52
C ASP A 847 23.53 19.37 2.72
N THR A 848 22.57 19.18 3.64
CA THR A 848 22.87 18.43 4.87
C THR A 848 23.14 16.95 4.57
N LYS A 849 22.28 16.35 3.73
CA LYS A 849 22.44 14.97 3.35
C LYS A 849 23.75 14.82 2.59
N GLU A 850 24.06 15.76 1.70
CA GLU A 850 25.31 15.66 0.92
C GLU A 850 26.54 15.67 1.81
N TYR A 851 26.55 16.56 2.79
CA TYR A 851 27.67 16.63 3.72
C TYR A 851 27.84 15.31 4.48
N ILE A 852 26.74 14.78 5.00
CA ILE A 852 26.81 13.55 5.81
C ILE A 852 27.25 12.37 4.92
N TYR A 853 26.64 12.19 3.75
CA TYR A 853 27.14 11.12 2.87
C TYR A 853 28.61 11.29 2.49
N LYS A 854 29.08 12.53 2.30
CA LYS A 854 30.46 12.70 1.88
C LYS A 854 31.40 12.39 3.06
N GLN A 855 30.98 12.78 4.28
CA GLN A 855 31.75 12.47 5.48
C GLN A 855 31.97 10.98 5.63
N ILE A 856 30.88 10.25 5.49
CA ILE A 856 31.02 8.79 5.65
C ILE A 856 31.76 8.16 4.47
N GLY A 857 31.42 8.59 3.24
CA GLY A 857 32.18 8.06 2.10
C GLY A 857 33.66 8.35 2.12
N ASP A 858 34.06 9.53 2.61
CA ASP A 858 35.49 9.85 2.68
C ASP A 858 36.22 8.84 3.61
N LYS A 859 35.51 8.20 4.55
CA LYS A 859 36.14 7.17 5.40
C LYS A 859 35.93 5.78 4.79
N LEU A 860 34.76 5.55 4.18
CA LEU A 860 34.41 4.13 3.87
C LEU A 860 34.42 3.78 2.40
N ASN A 861 34.72 4.70 1.48
CA ASN A 861 34.54 4.31 0.09
C ASN A 861 35.36 3.09 -0.36
N ASP A 862 36.57 2.91 0.19
CA ASP A 862 37.39 1.78 -0.22
C ASP A 862 36.73 0.47 0.25
N VAL A 863 36.14 0.51 1.44
CA VAL A 863 35.34 -0.64 1.92
C VAL A 863 34.15 -0.89 1.01
N TYR A 864 33.46 0.17 0.64
CA TYR A 864 32.31 0.03 -0.27
C TYR A 864 32.73 -0.64 -1.60
N TYR A 865 33.83 -0.17 -2.15
CA TYR A 865 34.31 -0.68 -3.41
C TYR A 865 34.72 -2.13 -3.31
N LYS A 866 35.45 -2.47 -2.26
CA LYS A 866 35.86 -3.86 -2.03
C LYS A 866 34.60 -4.77 -1.94
N MET A 867 33.54 -4.32 -1.28
CA MET A 867 32.35 -5.13 -1.13
C MET A 867 31.62 -5.23 -2.43
N PHE A 868 31.52 -4.09 -3.14
CA PHE A 868 30.90 -4.12 -4.44
C PHE A 868 31.52 -5.21 -5.30
N LYS A 869 32.85 -5.32 -5.30
CA LYS A 869 33.50 -6.33 -6.12
C LYS A 869 33.30 -7.75 -5.52
N SER A 870 33.37 -7.91 -4.19
CA SER A 870 33.36 -9.27 -3.66
C SER A 870 31.98 -9.86 -3.69
N LEU A 871 30.96 -9.00 -3.75
CA LEU A 871 29.58 -9.50 -3.74
C LEU A 871 29.16 -9.99 -5.11
N GLU A 872 29.97 -9.70 -6.13
CA GLU A 872 29.48 -9.87 -7.51
C GLU A 872 29.10 -11.31 -7.78
N ALA A 873 29.98 -12.26 -7.41
CA ALA A 873 29.77 -13.65 -7.79
C ALA A 873 28.44 -14.19 -7.29
N LYS A 874 28.14 -14.00 -5.99
CA LYS A 874 26.85 -14.49 -5.50
C LYS A 874 25.69 -13.64 -5.93
N ALA A 875 25.87 -12.31 -5.91
CA ALA A 875 24.75 -11.44 -6.19
C ALA A 875 24.19 -11.68 -7.63
N ASP A 876 25.10 -11.93 -8.59
CA ASP A 876 24.69 -11.92 -10.01
C ASP A 876 24.67 -13.32 -10.58
N ASP A 877 24.78 -14.31 -9.69
CA ASP A 877 24.75 -15.73 -10.10
C ASP A 877 23.57 -15.99 -11.07
N LEU A 878 23.86 -16.62 -12.21
CA LEU A 878 22.85 -16.80 -13.26
C LEU A 878 22.36 -18.25 -13.33
N THR A 879 22.71 -19.04 -12.33
CA THR A 879 22.36 -20.47 -12.35
C THR A 879 20.87 -20.70 -12.59
N TYR A 880 20.02 -19.88 -11.96
CA TYR A 880 18.60 -20.06 -11.98
C TYR A 880 17.88 -18.97 -12.79
N PHE A 881 18.63 -18.29 -13.66
CA PHE A 881 18.05 -17.18 -14.44
C PHE A 881 16.88 -17.62 -15.32
N ASN A 882 16.93 -18.88 -15.83
CA ASN A 882 15.83 -19.40 -16.66
C ASN A 882 14.82 -20.29 -15.93
N ASP A 883 14.84 -20.20 -14.61
CA ASP A 883 13.84 -20.89 -13.80
C ASP A 883 13.01 -19.83 -13.08
N GLU A 884 11.74 -19.68 -13.48
CA GLU A 884 10.85 -18.69 -12.89
C GLU A 884 10.24 -19.12 -11.62
N SER A 885 10.49 -20.34 -11.22
CA SER A 885 9.95 -20.80 -9.95
C SER A 885 10.93 -20.52 -8.83
N HIS A 886 12.16 -20.15 -9.19
CA HIS A 886 13.25 -20.15 -8.23
C HIS A 886 13.55 -18.68 -7.87
N VAL A 887 13.22 -18.29 -6.66
CA VAL A 887 13.38 -16.89 -6.25
C VAL A 887 14.11 -16.85 -4.93
N ASP A 888 15.19 -16.09 -4.91
CA ASP A 888 16.14 -16.09 -3.80
C ASP A 888 16.19 -14.70 -3.27
N PHE A 889 15.47 -14.49 -2.18
CA PHE A 889 15.39 -13.15 -1.62
C PHE A 889 16.70 -12.69 -1.03
N ASP A 890 17.52 -13.60 -0.52
CA ASP A 890 18.84 -13.16 -0.03
CA ASP A 890 18.84 -13.19 -0.04
C ASP A 890 19.68 -12.66 -1.21
N GLN A 891 19.65 -13.37 -2.33
CA GLN A 891 20.40 -12.94 -3.51
C GLN A 891 19.92 -11.61 -3.99
N MET A 892 18.61 -11.39 -3.99
CA MET A 892 18.13 -10.06 -4.43
C MET A 892 18.63 -8.97 -3.47
N ASN A 893 18.67 -9.29 -2.19
CA ASN A 893 19.20 -8.30 -1.19
C ASN A 893 20.70 -8.04 -1.41
N MET A 894 21.46 -9.04 -1.86
CA MET A 894 22.87 -8.80 -2.25
C MET A 894 22.94 -7.85 -3.43
N ARG A 895 22.03 -8.02 -4.40
CA ARG A 895 22.01 -7.02 -5.50
C ARG A 895 21.58 -5.63 -5.00
N THR A 896 20.63 -5.58 -4.07
CA THR A 896 20.25 -4.26 -3.51
C THR A 896 21.50 -3.63 -2.87
N LEU A 897 22.23 -4.41 -2.10
CA LEU A 897 23.46 -3.81 -1.49
C LEU A 897 24.45 -3.37 -2.55
N ARG A 898 24.67 -4.16 -3.56
CA ARG A 898 25.67 -3.74 -4.60
C ARG A 898 25.19 -2.47 -5.26
N ASN A 899 23.90 -2.43 -5.61
CA ASN A 899 23.39 -1.26 -6.30
C ASN A 899 23.39 -0.03 -5.41
N THR A 900 23.18 -0.23 -4.10
CA THR A 900 23.26 0.88 -3.15
C THR A 900 24.71 1.41 -3.07
N LEU A 901 25.66 0.49 -2.94
CA LEU A 901 27.08 0.88 -2.90
C LEU A 901 27.53 1.56 -4.20
N LEU A 902 27.04 1.04 -5.33
CA LEU A 902 27.45 1.63 -6.58
C LEU A 902 26.96 3.07 -6.70
N SER A 903 25.73 3.32 -6.25
CA SER A 903 25.20 4.70 -6.19
C SER A 903 26.08 5.60 -5.33
N LEU A 904 26.48 5.10 -4.16
CA LEU A 904 27.33 5.90 -3.26
C LEU A 904 28.68 6.20 -3.93
N LEU A 905 29.25 5.20 -4.59
CA LEU A 905 30.58 5.34 -5.20
C LEU A 905 30.51 6.26 -6.42
N SER A 906 29.37 6.21 -7.13
CA SER A 906 29.21 7.06 -8.33
C SER A 906 29.06 8.52 -7.96
N LYS A 907 28.20 8.80 -7.00
CA LYS A 907 28.05 10.17 -6.50
C LYS A 907 29.41 10.66 -6.02
N ALA A 908 30.18 9.80 -5.39
CA ALA A 908 31.48 10.20 -4.84
C ALA A 908 32.59 10.39 -5.92
N GLN A 909 32.29 10.03 -7.18
CA GLN A 909 33.28 10.07 -8.26
C GLN A 909 34.52 9.27 -7.86
N TYR A 910 34.25 8.14 -7.20
CA TYR A 910 35.31 7.17 -6.88
C TYR A 910 36.14 6.85 -8.12
N PRO A 911 37.48 6.84 -7.97
CA PRO A 911 38.34 6.65 -9.14
C PRO A 911 38.00 5.47 -10.06
N ASN A 912 37.89 5.79 -11.35
CA ASN A 912 37.56 4.80 -12.39
C ASN A 912 36.24 4.04 -12.16
N ILE A 913 35.37 4.56 -11.31
CA ILE A 913 34.10 3.84 -11.07
C ILE A 913 33.24 3.72 -12.35
N LEU A 914 33.41 4.63 -13.32
CA LEU A 914 32.64 4.56 -14.57
C LEU A 914 32.91 3.23 -15.27
N ASN A 915 34.13 2.69 -15.14
CA ASN A 915 34.40 1.36 -15.67
C ASN A 915 33.43 0.32 -15.09
N GLU A 916 33.21 0.41 -13.79
CA GLU A 916 32.29 -0.54 -13.15
C GLU A 916 30.90 -0.28 -13.64
N ILE A 917 30.54 0.97 -13.83
CA ILE A 917 29.18 1.29 -14.26
C ILE A 917 28.90 0.68 -15.63
N ILE A 918 29.87 0.87 -16.56
CA ILE A 918 29.70 0.36 -17.90
C ILE A 918 29.62 -1.17 -17.90
N GLU A 919 30.47 -1.85 -17.15
CA GLU A 919 30.30 -3.32 -17.02
C GLU A 919 28.93 -3.71 -16.42
N HIS A 920 28.46 -2.98 -15.40
CA HIS A 920 27.15 -3.26 -14.80
C HIS A 920 26.02 -3.16 -15.85
N SER A 921 26.15 -2.23 -16.79
CA SER A 921 25.11 -2.10 -17.83
C SER A 921 24.96 -3.33 -18.71
N LYS A 922 25.95 -4.24 -18.69
CA LYS A 922 25.89 -5.46 -19.51
C LYS A 922 25.33 -6.64 -18.75
N SER A 923 24.99 -6.47 -17.46
CA SER A 923 24.41 -7.55 -16.67
C SER A 923 23.05 -7.94 -17.26
N PRO A 924 22.71 -9.23 -17.20
CA PRO A 924 21.39 -9.64 -17.63
C PRO A 924 20.26 -9.20 -16.71
N TYR A 925 20.55 -8.82 -15.47
CA TYR A 925 19.46 -8.49 -14.55
C TYR A 925 19.01 -7.06 -14.69
N PRO A 926 17.72 -6.82 -14.94
CA PRO A 926 17.28 -5.43 -15.10
C PRO A 926 17.56 -4.56 -13.84
N SER A 927 17.52 -5.13 -12.64
CA SER A 927 17.89 -4.30 -11.50
C SER A 927 19.30 -3.70 -11.65
N ASN A 928 20.21 -4.47 -12.21
CA ASN A 928 21.57 -3.99 -12.42
C ASN A 928 21.61 -3.02 -13.61
N TRP A 929 21.08 -3.42 -14.78
CA TRP A 929 21.32 -2.52 -15.88
C TRP A 929 20.48 -1.25 -15.79
N LEU A 930 19.33 -1.27 -15.09
CA LEU A 930 18.66 0.03 -14.82
C LEU A 930 19.43 0.84 -13.78
N THR A 931 20.01 0.16 -12.79
CA THR A 931 20.88 0.90 -11.84
C THR A 931 22.00 1.58 -12.62
N SER A 932 22.52 0.92 -13.66
CA SER A 932 23.66 1.50 -14.35
C SER A 932 23.24 2.82 -14.99
N LEU A 933 21.99 2.88 -15.46
CA LEU A 933 21.49 4.14 -16.01
C LEU A 933 21.43 5.20 -14.91
N SER A 934 20.78 4.91 -13.79
CA SER A 934 20.66 6.01 -12.83
C SER A 934 21.99 6.46 -12.25
N VAL A 935 22.93 5.54 -11.97
CA VAL A 935 24.21 6.01 -11.37
C VAL A 935 25.08 6.68 -12.43
N SER A 936 24.81 6.42 -13.72
CA SER A 936 25.60 7.10 -14.76
C SER A 936 25.22 8.58 -14.87
N ALA A 937 24.18 9.02 -14.16
CA ALA A 937 23.76 10.42 -14.23
C ALA A 937 24.92 11.39 -13.91
N TYR A 938 25.87 10.90 -13.11
CA TYR A 938 27.03 11.69 -12.70
C TYR A 938 28.18 11.69 -13.70
N PHE A 939 27.94 11.13 -14.89
CA PHE A 939 28.99 10.97 -15.91
C PHE A 939 28.53 11.37 -17.29
N ASP A 940 29.47 11.63 -18.20
CA ASP A 940 29.03 12.03 -19.52
C ASP A 940 28.52 10.86 -20.35
N LYS A 941 28.53 9.66 -19.81
CA LYS A 941 27.94 8.51 -20.51
C LYS A 941 26.43 8.33 -20.28
N TYR A 942 25.81 9.21 -19.51
CA TYR A 942 24.39 9.07 -19.21
C TYR A 942 23.53 8.87 -20.45
N PHE A 943 23.66 9.73 -21.47
CA PHE A 943 22.69 9.55 -22.54
C PHE A 943 23.02 8.34 -23.40
N GLU A 944 24.29 7.93 -23.42
CA GLU A 944 24.64 6.65 -24.05
C GLU A 944 23.88 5.52 -23.34
N LEU A 945 23.91 5.50 -22.02
CA LEU A 945 23.21 4.46 -21.29
C LEU A 945 21.68 4.63 -21.35
N TYR A 946 21.22 5.89 -21.39
CA TYR A 946 19.80 6.16 -21.65
C TYR A 946 19.29 5.45 -22.93
N ASP A 947 20.01 5.62 -24.03
CA ASP A 947 19.61 4.96 -25.27
C ASP A 947 19.70 3.45 -25.20
N LYS A 948 20.82 2.96 -24.65
CA LYS A 948 21.03 1.52 -24.55
C LYS A 948 19.89 0.85 -23.75
N THR A 949 19.60 1.41 -22.59
CA THR A 949 18.61 0.81 -21.70
C THR A 949 17.18 1.03 -22.28
N TYR A 950 16.95 2.13 -22.99
CA TYR A 950 15.65 2.30 -23.70
C TYR A 950 15.42 1.16 -24.70
N LYS A 951 16.45 0.85 -25.49
CA LYS A 951 16.32 -0.23 -26.49
C LYS A 951 16.07 -1.60 -25.83
N LEU A 952 16.65 -1.83 -24.65
CA LEU A 952 16.43 -3.06 -23.88
C LEU A 952 15.00 -3.12 -23.30
N SER A 953 14.40 -1.94 -23.06
CA SER A 953 13.13 -1.83 -22.34
C SER A 953 11.90 -1.68 -23.23
N LYS A 954 12.07 -1.17 -24.45
CA LYS A 954 10.88 -0.65 -25.16
C LYS A 954 9.87 -1.69 -25.62
N ASP A 955 10.26 -2.94 -25.70
CA ASP A 955 9.33 -3.96 -26.23
C ASP A 955 8.58 -4.77 -25.18
N ASP A 956 8.71 -4.41 -23.91
CA ASP A 956 7.91 -5.00 -22.87
C ASP A 956 7.26 -3.86 -22.11
N GLU A 957 5.93 -3.86 -22.07
CA GLU A 957 5.19 -2.73 -21.54
C GLU A 957 5.62 -2.34 -20.09
N LEU A 958 5.81 -3.37 -19.27
CA LEU A 958 6.12 -3.14 -17.83
C LEU A 958 7.57 -2.73 -17.65
N LEU A 959 8.44 -3.36 -18.44
CA LEU A 959 9.84 -2.99 -18.35
C LEU A 959 10.04 -1.52 -18.79
N LEU A 960 9.38 -1.11 -19.86
CA LEU A 960 9.44 0.26 -20.29
C LEU A 960 8.96 1.21 -19.19
N GLN A 961 7.95 0.79 -18.38
CA GLN A 961 7.48 1.64 -17.25
C GLN A 961 8.58 1.71 -16.18
N GLU A 962 9.34 0.61 -16.00
CA GLU A 962 10.42 0.63 -15.04
C GLU A 962 11.54 1.53 -15.57
N TRP A 963 11.76 1.53 -16.87
CA TRP A 963 12.76 2.42 -17.48
C TRP A 963 12.34 3.88 -17.27
N LEU A 964 11.06 4.15 -17.54
CA LEU A 964 10.56 5.52 -17.28
C LEU A 964 10.80 5.95 -15.82
N LYS A 965 10.53 5.06 -14.85
CA LYS A 965 10.78 5.44 -13.44
C LYS A 965 12.26 5.73 -13.21
N THR A 966 13.12 4.96 -13.83
CA THR A 966 14.58 5.15 -13.67
C THR A 966 15.04 6.50 -14.19
N VAL A 967 14.51 6.87 -15.36
CA VAL A 967 14.84 8.15 -15.96
C VAL A 967 14.30 9.25 -15.00
N SER A 968 13.05 9.10 -14.61
CA SER A 968 12.36 10.11 -13.78
C SER A 968 13.11 10.42 -12.47
N ARG A 969 13.70 9.38 -11.90
CA ARG A 969 14.39 9.47 -10.63
C ARG A 969 15.90 9.80 -10.81
N SER A 970 16.38 9.93 -12.05
CA SER A 970 17.81 10.18 -12.31
C SER A 970 18.25 11.52 -11.70
N ASP A 971 19.42 11.53 -11.06
CA ASP A 971 19.91 12.75 -10.42
C ASP A 971 20.62 13.63 -11.46
N ARG A 972 19.81 14.28 -12.29
CA ARG A 972 20.27 15.04 -13.46
C ARG A 972 19.99 16.53 -13.30
N LYS A 973 20.96 17.37 -13.64
CA LYS A 973 20.73 18.81 -13.57
C LYS A 973 19.72 19.21 -14.67
N ASP A 974 19.73 18.45 -15.77
CA ASP A 974 18.83 18.72 -16.89
C ASP A 974 17.52 17.88 -16.80
N ILE A 975 17.12 17.49 -15.59
CA ILE A 975 15.94 16.62 -15.45
C ILE A 975 14.65 17.24 -16.06
N TYR A 976 14.49 18.57 -16.01
CA TYR A 976 13.25 19.13 -16.62
C TYR A 976 13.24 18.94 -18.13
N GLU A 977 14.37 19.16 -18.78
CA GLU A 977 14.47 18.92 -20.23
C GLU A 977 14.28 17.43 -20.53
N ILE A 978 14.85 16.56 -19.69
CA ILE A 978 14.64 15.10 -19.84
C ILE A 978 13.15 14.73 -19.73
N LEU A 979 12.46 15.24 -18.70
CA LEU A 979 11.03 14.98 -18.59
C LEU A 979 10.27 15.45 -19.82
N LYS A 980 10.66 16.59 -20.39
CA LYS A 980 9.99 17.07 -21.59
C LYS A 980 10.23 16.09 -22.75
N LYS A 981 11.43 15.52 -22.84
CA LYS A 981 11.74 14.52 -23.85
C LYS A 981 10.87 13.23 -23.61
N LEU A 982 10.72 12.78 -22.35
CA LEU A 982 9.87 11.59 -22.07
C LEU A 982 8.46 11.86 -22.57
N GLU A 983 7.96 13.06 -22.29
CA GLU A 983 6.60 13.43 -22.63
C GLU A 983 6.43 13.37 -24.15
N ASN A 984 7.37 14.01 -24.85
CA ASN A 984 7.23 14.12 -26.30
C ASN A 984 7.47 12.82 -27.02
N GLU A 985 8.39 12.00 -26.50
CA GLU A 985 8.85 10.82 -27.23
C GLU A 985 8.29 9.48 -26.77
N VAL A 986 7.87 9.37 -25.51
CA VAL A 986 7.46 8.09 -24.97
C VAL A 986 6.06 8.13 -24.36
N LEU A 987 5.80 9.06 -23.44
CA LEU A 987 4.50 9.11 -22.74
C LEU A 987 3.38 9.57 -23.66
N LYS A 988 3.59 10.72 -24.33
CA LYS A 988 2.59 11.33 -25.21
C LYS A 988 1.24 11.48 -24.48
N ASP A 989 0.13 11.11 -25.12
CA ASP A 989 -1.12 11.31 -24.42
C ASP A 989 -1.66 9.98 -23.86
N SER A 990 -0.76 9.05 -23.48
CA SER A 990 -1.23 7.82 -22.78
C SER A 990 -2.15 8.16 -21.60
N LYS A 991 -3.22 7.38 -21.49
CA LYS A 991 -4.12 7.48 -20.32
C LYS A 991 -3.89 6.29 -19.38
N ASN A 992 -2.81 5.55 -19.62
CA ASN A 992 -2.47 4.40 -18.76
C ASN A 992 -1.89 4.89 -17.43
N PRO A 993 -2.59 4.68 -16.29
CA PRO A 993 -2.03 5.21 -15.03
C PRO A 993 -0.61 4.75 -14.78
N ASN A 994 -0.22 3.52 -15.16
CA ASN A 994 1.15 3.12 -14.91
C ASN A 994 2.13 3.99 -15.66
N ASP A 995 1.76 4.41 -16.87
CA ASP A 995 2.67 5.25 -17.66
C ASP A 995 2.83 6.61 -16.98
N ILE A 996 1.70 7.21 -16.57
CA ILE A 996 1.70 8.58 -15.99
C ILE A 996 2.43 8.57 -14.65
N ARG A 997 2.08 7.62 -13.78
CA ARG A 997 2.77 7.53 -12.49
C ARG A 997 4.27 7.28 -12.66
N ALA A 998 4.67 6.49 -13.67
CA ALA A 998 6.10 6.17 -13.85
C ALA A 998 6.90 7.43 -14.22
N VAL A 999 6.32 8.25 -15.10
CA VAL A 999 7.06 9.43 -15.59
C VAL A 999 7.17 10.48 -14.49
N TYR A 1000 6.17 10.64 -13.63
CA TYR A 1000 6.16 11.83 -12.75
C TYR A 1000 6.43 11.58 -11.30
N LEU A 1001 5.93 10.49 -10.71
CA LEU A 1001 6.07 10.31 -9.27
C LEU A 1001 7.53 10.19 -8.78
N PRO A 1002 8.43 9.50 -9.49
CA PRO A 1002 9.82 9.42 -8.98
C PRO A 1002 10.50 10.75 -8.97
N PHE A 1003 10.29 11.52 -10.03
CA PHE A 1003 10.83 12.89 -10.08
C PHE A 1003 10.37 13.73 -8.86
N THR A 1004 9.16 13.48 -8.36
CA THR A 1004 8.68 14.35 -7.28
C THR A 1004 9.48 14.10 -5.99
N ASN A 1005 10.25 13.01 -5.95
CA ASN A 1005 11.11 12.71 -4.79
C ASN A 1005 12.54 13.26 -4.95
N ASN A 1006 12.74 14.00 -6.04
CA ASN A 1006 14.01 14.69 -6.25
C ASN A 1006 14.03 15.98 -5.43
N LEU A 1007 14.75 15.90 -4.31
CA LEU A 1007 14.65 16.93 -3.29
C LEU A 1007 15.12 18.27 -3.80
N ARG A 1008 16.28 18.29 -4.48
CA ARG A 1008 16.83 19.51 -5.00
CA ARG A 1008 16.81 19.52 -4.99
C ARG A 1008 16.04 20.08 -6.18
N ARG A 1009 15.55 19.21 -7.09
CA ARG A 1009 14.97 19.74 -8.31
C ARG A 1009 13.43 19.87 -8.34
N PHE A 1010 12.73 18.90 -7.75
CA PHE A 1010 11.27 19.03 -7.69
C PHE A 1010 10.88 20.27 -6.92
N HIS A 1011 11.68 20.55 -5.89
CA HIS A 1011 11.41 21.70 -5.02
C HIS A 1011 12.19 22.94 -5.42
N ASP A 1012 12.55 23.03 -6.71
CA ASP A 1012 13.18 24.25 -7.23
C ASP A 1012 12.41 25.49 -6.78
N ILE A 1013 13.17 26.46 -6.25
CA ILE A 1013 12.58 27.60 -5.59
C ILE A 1013 11.75 28.47 -6.56
N SER A 1014 11.90 28.29 -7.88
CA SER A 1014 10.99 28.97 -8.81
C SER A 1014 9.54 28.48 -8.73
N GLY A 1015 9.34 27.29 -8.15
CA GLY A 1015 8.05 26.62 -8.19
C GLY A 1015 7.74 25.87 -9.48
N LYS A 1016 8.70 25.77 -10.40
CA LYS A 1016 8.45 25.13 -11.72
C LYS A 1016 8.10 23.65 -11.56
N GLY A 1017 8.59 22.97 -10.56
CA GLY A 1017 8.23 21.57 -10.36
C GLY A 1017 6.80 21.44 -9.86
N TYR A 1018 6.39 22.31 -8.93
CA TYR A 1018 5.02 22.31 -8.46
C TYR A 1018 4.07 22.63 -9.61
N LYS A 1019 4.44 23.59 -10.47
CA LYS A 1019 3.64 23.95 -11.61
C LYS A 1019 3.47 22.77 -12.56
N LEU A 1020 4.57 22.06 -12.80
CA LEU A 1020 4.52 20.94 -13.74
C LEU A 1020 3.58 19.85 -13.19
N ILE A 1021 3.72 19.44 -11.92
CA ILE A 1021 2.89 18.34 -11.42
C ILE A 1021 1.43 18.80 -11.32
N ALA A 1022 1.15 20.04 -10.94
CA ALA A 1022 -0.24 20.55 -10.98
C ALA A 1022 -0.83 20.48 -12.38
N GLU A 1023 -0.04 20.84 -13.40
CA GLU A 1023 -0.58 20.68 -14.76
C GLU A 1023 -0.95 19.23 -15.08
N VAL A 1024 -0.09 18.31 -14.68
CA VAL A 1024 -0.36 16.89 -14.92
C VAL A 1024 -1.59 16.44 -14.13
N ILE A 1025 -1.72 16.87 -12.89
CA ILE A 1025 -2.91 16.52 -12.10
C ILE A 1025 -4.21 17.01 -12.79
N THR A 1026 -4.24 18.26 -13.15
CA THR A 1026 -5.44 18.80 -13.80
C THR A 1026 -5.74 18.07 -15.12
N LYS A 1027 -4.68 17.78 -15.88
CA LYS A 1027 -4.88 17.08 -17.16
C LYS A 1027 -5.45 15.68 -16.92
N THR A 1028 -4.89 14.98 -15.95
CA THR A 1028 -5.33 13.63 -15.62
C THR A 1028 -6.75 13.61 -15.04
N ASP A 1029 -7.08 14.65 -14.28
CA ASP A 1029 -8.39 14.69 -13.64
C ASP A 1029 -9.57 14.70 -14.62
N LYS A 1030 -9.31 15.15 -15.85
CA LYS A 1030 -10.31 15.14 -16.92
C LYS A 1030 -10.84 13.71 -17.21
N PHE A 1031 -9.99 12.71 -17.02
CA PHE A 1031 -10.40 11.35 -17.39
C PHE A 1031 -10.24 10.34 -16.26
N ASN A 1032 -9.48 10.64 -15.21
CA ASN A 1032 -9.30 9.68 -14.12
C ASN A 1032 -9.06 10.39 -12.79
N PRO A 1033 -10.11 10.79 -12.09
CA PRO A 1033 -10.02 11.55 -10.85
C PRO A 1033 -9.25 10.82 -9.78
N MET A 1034 -9.43 9.49 -9.69
CA MET A 1034 -8.73 8.75 -8.67
C MET A 1034 -7.20 8.88 -8.88
N VAL A 1035 -6.73 8.69 -10.13
CA VAL A 1035 -5.28 8.79 -10.35
C VAL A 1035 -4.81 10.26 -10.19
N ALA A 1036 -5.63 11.22 -10.60
CA ALA A 1036 -5.27 12.63 -10.36
C ALA A 1036 -5.00 12.90 -8.89
N THR A 1037 -5.81 12.32 -8.01
CA THR A 1037 -5.56 12.51 -6.57
CA THR A 1037 -5.58 12.51 -6.60
C THR A 1037 -4.32 11.78 -6.12
N GLN A 1038 -4.01 10.61 -6.68
CA GLN A 1038 -2.71 9.99 -6.38
C GLN A 1038 -1.54 10.89 -6.74
N LEU A 1039 -1.68 11.62 -7.84
CA LEU A 1039 -0.59 12.48 -8.32
C LEU A 1039 -0.43 13.73 -7.44
N CYS A 1040 -1.40 13.99 -6.57
CA CYS A 1040 -1.27 15.09 -5.57
C CYS A 1040 -0.32 14.74 -4.42
N GLU A 1041 0.18 13.53 -4.40
CA GLU A 1041 0.99 13.06 -3.25
C GLU A 1041 2.09 14.07 -2.79
N PRO A 1042 2.88 14.64 -3.70
CA PRO A 1042 3.94 15.55 -3.19
C PRO A 1042 3.42 16.73 -2.45
N PHE A 1043 2.16 17.14 -2.71
CA PHE A 1043 1.64 18.33 -2.03
C PHE A 1043 1.25 17.99 -0.58
N LYS A 1044 1.26 16.72 -0.16
CA LYS A 1044 0.77 16.39 1.17
C LYS A 1044 1.61 17.07 2.30
N LEU A 1045 2.87 17.37 2.02
CA LEU A 1045 3.72 17.99 3.05
C LEU A 1045 3.82 19.51 2.90
N TRP A 1046 2.94 20.14 2.14
CA TRP A 1046 3.13 21.54 1.80
C TRP A 1046 3.31 22.44 3.01
N ASN A 1047 2.54 22.20 4.05
CA ASN A 1047 2.64 23.15 5.16
C ASN A 1047 3.82 22.84 6.12
N LYS A 1048 4.68 21.89 5.73
CA LYS A 1048 5.88 21.56 6.51
C LYS A 1048 7.09 22.21 5.93
N LEU A 1049 6.99 22.84 4.76
CA LEU A 1049 8.16 23.40 4.08
C LEU A 1049 8.43 24.82 4.57
N ASP A 1050 9.52 25.39 4.06
CA ASP A 1050 9.82 26.77 4.36
C ASP A 1050 8.74 27.68 3.78
N THR A 1051 8.59 28.89 4.34
CA THR A 1051 7.45 29.70 3.97
C THR A 1051 7.37 30.06 2.48
N LYS A 1052 8.49 30.20 1.76
CA LYS A 1052 8.41 30.46 0.33
C LYS A 1052 7.82 29.20 -0.43
N ARG A 1053 8.27 28.01 -0.09
CA ARG A 1053 7.75 26.85 -0.78
C ARG A 1053 6.30 26.57 -0.38
N GLN A 1054 5.93 26.88 0.88
CA GLN A 1054 4.50 26.77 1.24
C GLN A 1054 3.64 27.62 0.31
N GLU A 1055 4.01 28.88 0.15
CA GLU A 1055 3.26 29.80 -0.69
C GLU A 1055 3.20 29.25 -2.15
N LEU A 1056 4.33 28.74 -2.65
CA LEU A 1056 4.36 28.28 -4.03
C LEU A 1056 3.43 27.07 -4.20
N MET A 1057 3.46 26.15 -3.23
CA MET A 1057 2.60 24.95 -3.37
C MET A 1057 1.15 25.34 -3.22
N LEU A 1058 0.86 26.21 -2.26
CA LEU A 1058 -0.54 26.63 -2.03
C LEU A 1058 -1.09 27.33 -3.24
N ASN A 1059 -0.26 28.13 -3.92
CA ASN A 1059 -0.72 28.79 -5.14
CA ASN A 1059 -0.71 28.77 -5.14
C ASN A 1059 -1.12 27.75 -6.19
N GLU A 1060 -0.34 26.69 -6.33
CA GLU A 1060 -0.72 25.70 -7.35
C GLU A 1060 -1.98 24.94 -6.95
N MET A 1061 -2.13 24.64 -5.67
CA MET A 1061 -3.33 23.95 -5.21
C MET A 1061 -4.54 24.80 -5.41
N ASN A 1062 -4.41 26.11 -5.14
CA ASN A 1062 -5.56 27.00 -5.35
C ASN A 1062 -5.86 27.15 -6.83
N THR A 1063 -4.82 27.13 -7.67
CA THR A 1063 -5.07 27.13 -9.14
C THR A 1063 -5.85 25.85 -9.51
N MET A 1064 -5.44 24.70 -9.01
CA MET A 1064 -6.13 23.43 -9.36
C MET A 1064 -7.58 23.49 -8.88
N LEU A 1065 -7.80 24.03 -7.67
CA LEU A 1065 -9.15 24.16 -7.09
C LEU A 1065 -10.06 25.08 -7.89
N GLN A 1066 -9.48 26.04 -8.61
CA GLN A 1066 -10.27 26.97 -9.41
C GLN A 1066 -10.63 26.44 -10.79
N GLU A 1067 -10.14 25.25 -11.17
CA GLU A 1067 -10.54 24.69 -12.46
C GLU A 1067 -12.03 24.42 -12.50
N PRO A 1068 -12.76 25.00 -13.50
CA PRO A 1068 -14.21 24.82 -13.46
C PRO A 1068 -14.68 23.38 -13.55
N GLN A 1069 -13.88 22.54 -14.21
CA GLN A 1069 -14.28 21.17 -14.43
C GLN A 1069 -13.65 20.19 -13.44
N ILE A 1070 -13.15 20.70 -12.33
CA ILE A 1070 -12.56 19.79 -11.34
C ILE A 1070 -13.51 18.67 -10.85
N SER A 1071 -12.98 17.46 -10.71
CA SER A 1071 -13.75 16.35 -10.22
C SER A 1071 -14.16 16.47 -8.75
N ASN A 1072 -15.17 15.72 -8.36
CA ASN A 1072 -15.51 15.63 -6.96
C ASN A 1072 -14.32 15.15 -6.10
N ASN A 1073 -13.63 14.12 -6.57
CA ASN A 1073 -12.49 13.57 -5.86
C ASN A 1073 -11.43 14.59 -5.58
N LEU A 1074 -11.03 15.24 -6.65
CA LEU A 1074 -9.88 16.14 -6.53
C LEU A 1074 -10.22 17.38 -5.72
N LYS A 1075 -11.42 17.92 -5.92
CA LYS A 1075 -11.91 19.08 -5.13
C LYS A 1075 -11.94 18.74 -3.62
N GLU A 1076 -12.53 17.61 -3.26
CA GLU A 1076 -12.66 17.27 -1.86
C GLU A 1076 -11.26 17.08 -1.28
N TYR A 1077 -10.36 16.44 -2.02
CA TYR A 1077 -9.04 16.16 -1.50
C TYR A 1077 -8.27 17.47 -1.25
N LEU A 1078 -8.27 18.37 -2.23
CA LEU A 1078 -7.52 19.61 -2.09
C LEU A 1078 -8.15 20.55 -1.09
N LEU A 1079 -9.47 20.52 -0.99
CA LEU A 1079 -10.11 21.33 0.06
C LEU A 1079 -9.65 20.84 1.45
N ARG A 1080 -9.63 19.53 1.69
CA ARG A 1080 -9.14 19.02 2.98
C ARG A 1080 -7.68 19.32 3.17
N LEU A 1081 -6.88 19.17 2.11
CA LEU A 1081 -5.42 19.34 2.25
C LEU A 1081 -5.05 20.79 2.52
N THR A 1082 -5.77 21.73 1.95
CA THR A 1082 -5.49 23.16 2.17
C THR A 1082 -6.28 23.77 3.33
N ASN A 1083 -6.89 22.96 4.18
CA ASN A 1083 -7.68 23.46 5.30
C ASN A 1083 -8.69 24.49 4.92
N LYS A 1084 -9.38 24.29 3.81
CA LYS A 1084 -10.36 25.30 3.36
C LYS A 1084 -11.72 24.85 3.86
#